data_2MN3
#
_entry.id   2MN3
#
_entity_poly.entity_id   1
_entity_poly.type   'polypeptide(L)'
_entity_poly.pdbx_seq_one_letter_code
;RRRRRRPPCEDVNGQCQPRGNPCLRLRGACPRGSRCCMPTVAAH
;
_entity_poly.pdbx_strand_id   A
#
# COMPACT_ATOMS: atom_id res chain seq x y z
N ARG A 1 0.47 16.06 -0.45
CA ARG A 1 -0.95 16.37 -0.40
C ARG A 1 -1.79 15.11 -0.59
N ARG A 2 -1.26 14.16 -1.36
CA ARG A 2 -1.95 12.90 -1.62
C ARG A 2 -2.06 12.07 -0.35
N ARG A 3 -3.28 11.92 0.16
CA ARG A 3 -3.51 11.14 1.37
C ARG A 3 -5.00 11.11 1.71
N ARG A 4 -5.66 12.24 1.56
CA ARG A 4 -7.08 12.34 1.86
C ARG A 4 -7.90 12.48 0.57
N ARG A 5 -7.30 13.10 -0.44
CA ARG A 5 -7.97 13.30 -1.72
C ARG A 5 -8.28 11.95 -2.37
N ARG A 6 -7.25 11.28 -2.87
CA ARG A 6 -7.41 9.98 -3.52
C ARG A 6 -6.05 9.37 -3.85
N PRO A 7 -5.35 8.89 -2.81
CA PRO A 7 -4.03 8.27 -2.97
C PRO A 7 -4.10 6.92 -3.67
N PRO A 8 -2.93 6.38 -4.04
CA PRO A 8 -2.84 5.09 -4.71
C PRO A 8 -3.20 3.92 -3.80
N CYS A 9 -2.62 3.90 -2.61
CA CYS A 9 -2.88 2.85 -1.64
C CYS A 9 -4.37 2.72 -1.35
N GLU A 10 -5.09 3.82 -1.56
CA GLU A 10 -6.53 3.83 -1.32
C GLU A 10 -7.29 3.24 -2.50
N ASP A 11 -7.00 3.76 -3.70
CA ASP A 11 -7.65 3.28 -4.91
C ASP A 11 -7.56 1.76 -5.02
N VAL A 12 -6.34 1.25 -4.90
CA VAL A 12 -6.10 -0.19 -4.98
C VAL A 12 -6.32 -0.86 -3.63
N ASN A 13 -6.48 -0.05 -2.60
CA ASN A 13 -6.69 -0.57 -1.25
C ASN A 13 -5.62 -1.58 -0.87
N GLY A 14 -4.44 -1.08 -0.51
CA GLY A 14 -3.34 -1.95 -0.13
C GLY A 14 -3.06 -1.91 1.35
N GLN A 15 -2.02 -2.63 1.78
CA GLN A 15 -1.64 -2.68 3.19
C GLN A 15 -0.43 -1.80 3.45
N CYS A 16 -0.16 -1.54 4.73
CA CYS A 16 0.97 -0.71 5.12
C CYS A 16 1.96 -1.51 5.97
N GLN A 17 3.13 -1.78 5.42
CA GLN A 17 4.16 -2.53 6.13
C GLN A 17 5.55 -2.23 5.56
N PRO A 18 6.58 -2.57 6.33
CA PRO A 18 7.98 -2.35 5.92
C PRO A 18 8.40 -3.25 4.77
N ARG A 19 9.69 -3.21 4.44
CA ARG A 19 10.22 -4.03 3.35
C ARG A 19 10.55 -5.44 3.84
N GLY A 20 10.43 -5.64 5.15
CA GLY A 20 10.72 -6.95 5.72
C GLY A 20 9.55 -7.91 5.60
N ASN A 21 9.04 -8.07 4.39
CA ASN A 21 7.91 -8.96 4.15
C ASN A 21 7.80 -9.30 2.67
N PRO A 22 7.12 -10.43 2.37
CA PRO A 22 6.94 -10.89 0.99
C PRO A 22 5.97 -10.00 0.21
N CYS A 23 5.19 -9.22 0.93
CA CYS A 23 4.23 -8.31 0.31
C CYS A 23 4.89 -7.47 -0.78
N LEU A 24 4.20 -7.27 -1.89
CA LEU A 24 4.73 -6.48 -3.00
C LEU A 24 4.92 -5.03 -2.58
N ARG A 25 5.41 -4.22 -3.51
CA ARG A 25 5.64 -2.80 -3.24
C ARG A 25 4.83 -1.93 -4.20
N LEU A 26 4.25 -0.86 -3.67
CA LEU A 26 3.44 0.05 -4.47
C LEU A 26 4.02 1.46 -4.44
N ARG A 27 3.84 2.15 -3.31
CA ARG A 27 4.34 3.51 -3.16
C ARG A 27 4.48 3.87 -1.68
N GLY A 28 4.90 5.10 -1.41
CA GLY A 28 5.07 5.55 -0.04
C GLY A 28 3.85 6.30 0.47
N ALA A 29 2.70 6.05 -0.14
CA ALA A 29 1.47 6.70 0.25
C ALA A 29 1.10 6.36 1.70
N CYS A 30 1.70 5.29 2.21
CA CYS A 30 1.44 4.86 3.58
C CYS A 30 2.15 5.75 4.59
N PRO A 31 1.71 5.68 5.86
CA PRO A 31 2.30 6.48 6.93
C PRO A 31 3.70 6.03 7.29
N ARG A 32 4.47 6.93 7.92
CA ARG A 32 5.84 6.63 8.31
C ARG A 32 5.91 5.30 9.07
N GLY A 33 7.03 4.60 8.93
CA GLY A 33 7.19 3.34 9.61
C GLY A 33 6.76 2.16 8.76
N SER A 34 5.92 2.42 7.76
CA SER A 34 5.43 1.38 6.87
C SER A 34 5.28 1.90 5.45
N ARG A 35 5.09 0.98 4.50
CA ARG A 35 4.94 1.36 3.10
C ARG A 35 3.75 0.61 2.47
N CYS A 36 3.20 1.20 1.42
CA CYS A 36 2.07 0.60 0.73
C CYS A 36 2.48 -0.68 0.00
N CYS A 37 2.10 -1.82 0.56
CA CYS A 37 2.43 -3.12 -0.03
C CYS A 37 1.23 -3.72 -0.74
N MET A 38 1.48 -4.62 -1.67
CA MET A 38 0.41 -5.29 -2.42
C MET A 38 0.20 -6.71 -1.92
N PRO A 39 -1.02 -7.00 -1.45
CA PRO A 39 -1.38 -8.33 -0.94
C PRO A 39 -1.45 -9.38 -2.05
N THR A 40 -1.50 -10.64 -1.65
CA THR A 40 -1.56 -11.74 -2.61
C THR A 40 -3.01 -12.01 -3.03
N VAL A 41 -3.58 -11.08 -3.79
CA VAL A 41 -4.95 -11.22 -4.25
C VAL A 41 -5.01 -11.24 -5.79
N ALA A 42 -5.88 -12.09 -6.32
CA ALA A 42 -6.03 -12.21 -7.78
C ALA A 42 -4.73 -12.67 -8.43
N ALA A 43 -3.93 -13.42 -7.67
CA ALA A 43 -2.67 -13.93 -8.18
C ALA A 43 -1.72 -12.79 -8.54
N HIS A 44 -1.15 -12.15 -7.52
CA HIS A 44 -0.23 -11.05 -7.72
C HIS A 44 1.13 -11.34 -7.09
N ARG A 1 0.07 10.39 4.28
CA ARG A 1 -0.89 10.60 3.19
C ARG A 1 -2.30 10.25 3.65
N ARG A 2 -3.27 10.46 2.76
CA ARG A 2 -4.66 10.16 3.07
C ARG A 2 -5.54 10.35 1.83
N ARG A 3 -6.85 10.15 2.00
CA ARG A 3 -7.80 10.29 0.90
C ARG A 3 -8.10 11.77 0.64
N ARG A 4 -7.06 12.53 0.30
CA ARG A 4 -7.20 13.95 0.02
C ARG A 4 -7.29 14.20 -1.48
N ARG A 5 -6.59 13.38 -2.25
CA ARG A 5 -6.57 13.52 -3.70
C ARG A 5 -6.67 12.16 -4.38
N ARG A 6 -7.32 11.21 -3.71
CA ARG A 6 -7.49 9.87 -4.24
C ARG A 6 -6.14 9.22 -4.52
N PRO A 7 -5.42 8.86 -3.45
CA PRO A 7 -4.10 8.23 -3.57
C PRO A 7 -4.17 6.81 -4.13
N PRO A 8 -3.01 6.24 -4.45
CA PRO A 8 -2.91 4.88 -5.00
C PRO A 8 -3.27 3.82 -3.97
N CYS A 9 -2.66 3.92 -2.79
CA CYS A 9 -2.91 2.96 -1.72
C CYS A 9 -4.40 2.87 -1.40
N GLU A 10 -5.13 3.94 -1.70
CA GLU A 10 -6.57 3.98 -1.44
C GLU A 10 -7.33 3.25 -2.54
N ASP A 11 -7.16 3.71 -3.78
CA ASP A 11 -7.83 3.11 -4.92
C ASP A 11 -7.62 1.60 -4.94
N VAL A 12 -6.35 1.18 -4.93
CA VAL A 12 -6.00 -0.23 -4.95
C VAL A 12 -6.24 -0.87 -3.58
N ASN A 13 -6.39 -0.03 -2.56
CA ASN A 13 -6.62 -0.52 -1.21
C ASN A 13 -5.56 -1.54 -0.81
N GLY A 14 -4.33 -1.07 -0.62
CA GLY A 14 -3.26 -1.96 -0.24
C GLY A 14 -3.03 -2.00 1.27
N GLN A 15 -1.97 -2.68 1.68
CA GLN A 15 -1.65 -2.80 3.10
C GLN A 15 -0.34 -2.09 3.43
N CYS A 16 -0.38 -1.24 4.46
CA CYS A 16 0.81 -0.51 4.88
C CYS A 16 1.77 -1.40 5.65
N GLN A 17 2.69 -2.04 4.95
CA GLN A 17 3.66 -2.93 5.57
C GLN A 17 5.08 -2.37 5.44
N PRO A 18 5.97 -2.78 6.36
CA PRO A 18 7.36 -2.34 6.37
C PRO A 18 8.16 -2.90 5.19
N ARG A 19 9.46 -2.64 5.19
CA ARG A 19 10.33 -3.11 4.12
C ARG A 19 10.97 -4.44 4.50
N GLY A 20 10.14 -5.40 4.89
CA GLY A 20 10.66 -6.71 5.27
C GLY A 20 9.61 -7.79 5.15
N ASN A 21 8.76 -7.68 4.12
CA ASN A 21 7.71 -8.67 3.89
C ASN A 21 7.77 -9.21 2.47
N PRO A 22 7.38 -10.47 2.30
CA PRO A 22 7.38 -11.15 1.00
C PRO A 22 6.32 -10.58 0.06
N CYS A 23 5.44 -9.74 0.60
CA CYS A 23 4.37 -9.14 -0.19
C CYS A 23 4.95 -8.29 -1.33
N LEU A 24 4.09 -7.51 -1.96
CA LEU A 24 4.51 -6.66 -3.07
C LEU A 24 4.57 -5.19 -2.63
N ARG A 25 5.33 -4.39 -3.37
CA ARG A 25 5.48 -2.98 -3.07
C ARG A 25 4.72 -2.12 -4.07
N LEU A 26 4.04 -1.10 -3.58
CA LEU A 26 3.28 -0.20 -4.44
C LEU A 26 3.92 1.18 -4.50
N ARG A 27 3.80 1.94 -3.41
CA ARG A 27 4.38 3.27 -3.35
C ARG A 27 4.56 3.71 -1.90
N GLY A 28 4.96 4.96 -1.70
CA GLY A 28 5.17 5.48 -0.37
C GLY A 28 3.91 6.10 0.21
N ALA A 29 2.76 5.70 -0.30
CA ALA A 29 1.48 6.21 0.17
C ALA A 29 1.09 5.56 1.50
N CYS A 30 1.94 5.75 2.51
CA CYS A 30 1.68 5.19 3.83
C CYS A 30 2.40 5.99 4.91
N PRO A 31 1.97 5.80 6.16
CA PRO A 31 2.57 6.51 7.31
C PRO A 31 3.98 6.02 7.62
N ARG A 32 4.76 6.86 8.30
CA ARG A 32 6.12 6.52 8.64
C ARG A 32 6.18 5.15 9.33
N GLY A 33 7.28 4.42 9.10
CA GLY A 33 7.43 3.11 9.68
C GLY A 33 6.88 2.01 8.80
N SER A 34 6.09 2.39 7.81
CA SER A 34 5.49 1.42 6.90
C SER A 34 5.35 2.01 5.50
N ARG A 35 5.08 1.15 4.52
CA ARG A 35 4.92 1.58 3.14
C ARG A 35 3.74 0.86 2.47
N CYS A 36 3.21 1.46 1.42
CA CYS A 36 2.09 0.87 0.69
C CYS A 36 2.51 -0.42 0.00
N CYS A 37 2.06 -1.55 0.54
CA CYS A 37 2.40 -2.84 -0.04
C CYS A 37 1.14 -3.55 -0.57
N MET A 38 1.28 -4.21 -1.70
CA MET A 38 0.15 -4.92 -2.31
C MET A 38 0.00 -6.31 -1.71
N PRO A 39 -1.25 -6.75 -1.53
CA PRO A 39 -1.56 -8.07 -0.97
C PRO A 39 -1.19 -9.21 -1.92
N THR A 40 -1.47 -10.44 -1.49
CA THR A 40 -1.16 -11.61 -2.30
C THR A 40 -2.44 -12.27 -2.82
N VAL A 41 -3.36 -11.45 -3.32
CA VAL A 41 -4.61 -11.94 -3.86
C VAL A 41 -4.54 -12.11 -5.37
N ALA A 42 -5.53 -12.80 -5.94
CA ALA A 42 -5.58 -13.04 -7.38
C ALA A 42 -6.47 -12.01 -8.06
N ALA A 43 -6.21 -11.77 -9.35
CA ALA A 43 -6.99 -10.82 -10.13
C ALA A 43 -7.49 -11.45 -11.43
N HIS A 44 -8.45 -12.36 -11.30
CA HIS A 44 -9.01 -13.03 -12.47
C HIS A 44 -7.94 -13.81 -13.22
N ARG A 1 0.82 14.95 -4.12
CA ARG A 1 0.56 14.96 -2.68
C ARG A 1 -0.01 13.62 -2.22
N ARG A 2 0.12 13.34 -0.93
CA ARG A 2 -0.38 12.09 -0.37
C ARG A 2 -1.74 12.28 0.28
N ARG A 3 -2.67 11.38 -0.01
CA ARG A 3 -4.02 11.46 0.55
C ARG A 3 -4.71 12.74 0.11
N ARG A 4 -6.01 12.82 0.38
CA ARG A 4 -6.79 13.99 0.01
C ARG A 4 -6.69 14.27 -1.49
N ARG A 5 -6.44 13.22 -2.26
CA ARG A 5 -6.31 13.35 -3.71
C ARG A 5 -6.41 11.98 -4.39
N ARG A 6 -7.13 11.06 -3.74
CA ARG A 6 -7.30 9.71 -4.28
C ARG A 6 -5.95 9.05 -4.51
N PRO A 7 -5.28 8.66 -3.41
CA PRO A 7 -3.97 8.00 -3.47
C PRO A 7 -4.07 6.59 -4.04
N PRO A 8 -2.90 5.99 -4.31
CA PRO A 8 -2.81 4.62 -4.86
C PRO A 8 -3.23 3.57 -3.85
N CYS A 9 -2.68 3.66 -2.64
CA CYS A 9 -2.99 2.71 -1.59
C CYS A 9 -4.50 2.62 -1.36
N GLU A 10 -5.21 3.70 -1.70
CA GLU A 10 -6.65 3.75 -1.53
C GLU A 10 -7.36 3.04 -2.70
N ASP A 11 -7.10 3.52 -3.90
CA ASP A 11 -7.70 2.94 -5.10
C ASP A 11 -7.49 1.42 -5.13
N VAL A 12 -6.23 1.01 -5.17
CA VAL A 12 -5.89 -0.41 -5.20
C VAL A 12 -6.15 -1.07 -3.84
N ASN A 13 -6.43 -0.25 -2.84
CA ASN A 13 -6.69 -0.75 -1.49
C ASN A 13 -5.56 -1.67 -1.03
N GLY A 14 -4.41 -1.09 -0.73
CA GLY A 14 -3.28 -1.87 -0.28
C GLY A 14 -3.10 -1.83 1.23
N GLN A 15 -2.08 -2.53 1.73
CA GLN A 15 -1.82 -2.56 3.16
C GLN A 15 -0.46 -1.93 3.48
N CYS A 16 -0.43 -1.09 4.51
CA CYS A 16 0.80 -0.43 4.92
C CYS A 16 1.70 -1.37 5.70
N GLN A 17 2.69 -1.94 5.02
CA GLN A 17 3.62 -2.87 5.66
C GLN A 17 5.07 -2.47 5.37
N PRO A 18 6.00 -2.98 6.19
CA PRO A 18 7.43 -2.70 6.04
C PRO A 18 8.02 -3.35 4.79
N ARG A 19 9.34 -3.32 4.69
CA ARG A 19 10.03 -3.92 3.55
C ARG A 19 10.43 -5.35 3.85
N GLY A 20 10.52 -5.69 5.13
CA GLY A 20 10.89 -7.03 5.52
C GLY A 20 9.74 -8.02 5.37
N ASN A 21 9.31 -8.23 4.13
CA ASN A 21 8.21 -9.15 3.86
C ASN A 21 8.05 -9.37 2.36
N PRO A 22 7.44 -10.51 1.99
CA PRO A 22 7.21 -10.87 0.59
C PRO A 22 6.18 -9.97 -0.08
N CYS A 23 5.57 -9.09 0.71
CA CYS A 23 4.56 -8.17 0.18
C CYS A 23 5.00 -7.56 -1.13
N LEU A 24 4.05 -7.11 -1.92
CA LEU A 24 4.33 -6.51 -3.22
C LEU A 24 4.33 -4.98 -3.12
N ARG A 25 5.49 -4.41 -2.82
CA ARG A 25 5.62 -2.96 -2.69
C ARG A 25 4.76 -2.25 -3.72
N LEU A 26 4.19 -1.12 -3.34
CA LEU A 26 3.34 -0.34 -4.23
C LEU A 26 3.85 1.09 -4.36
N ARG A 27 3.74 1.86 -3.27
CA ARG A 27 4.20 3.24 -3.27
C ARG A 27 4.44 3.73 -1.85
N GLY A 28 4.80 5.00 -1.72
CA GLY A 28 5.07 5.57 -0.41
C GLY A 28 3.82 6.19 0.21
N ALA A 29 2.65 5.79 -0.29
CA ALA A 29 1.39 6.31 0.21
C ALA A 29 1.03 5.66 1.55
N CYS A 30 1.89 5.83 2.55
CA CYS A 30 1.68 5.27 3.86
C CYS A 30 2.40 6.07 4.94
N PRO A 31 1.98 5.90 6.20
CA PRO A 31 2.59 6.60 7.34
C PRO A 31 4.00 6.11 7.63
N ARG A 32 4.79 6.97 8.29
CA ARG A 32 6.16 6.62 8.63
C ARG A 32 6.23 5.26 9.33
N GLY A 33 7.31 4.54 9.09
CA GLY A 33 7.48 3.23 9.70
C GLY A 33 6.92 2.12 8.85
N SER A 34 6.10 2.49 7.87
CA SER A 34 5.49 1.50 6.98
C SER A 34 5.29 2.08 5.58
N ARG A 35 5.11 1.20 4.60
CA ARG A 35 4.92 1.62 3.21
C ARG A 35 3.76 0.87 2.58
N CYS A 36 3.20 1.44 1.51
CA CYS A 36 2.09 0.82 0.81
C CYS A 36 2.53 -0.46 0.11
N CYS A 37 2.10 -1.60 0.64
CA CYS A 37 2.45 -2.89 0.07
C CYS A 37 1.21 -3.64 -0.41
N MET A 38 1.22 -4.07 -1.67
CA MET A 38 0.10 -4.80 -2.24
C MET A 38 -0.05 -6.17 -1.60
N PRO A 39 -1.31 -6.61 -1.40
CA PRO A 39 -1.62 -7.91 -0.80
C PRO A 39 -1.23 -9.08 -1.71
N THR A 40 -1.46 -10.29 -1.22
CA THR A 40 -1.15 -11.49 -2.00
C THR A 40 -2.38 -12.01 -2.72
N VAL A 41 -3.27 -11.10 -3.11
CA VAL A 41 -4.50 -11.47 -3.81
C VAL A 41 -4.29 -11.43 -5.32
N ALA A 42 -5.22 -12.03 -6.05
CA ALA A 42 -5.15 -12.05 -7.51
C ALA A 42 -6.27 -11.24 -8.14
N ALA A 43 -6.05 -10.77 -9.35
CA ALA A 43 -7.05 -9.97 -10.06
C ALA A 43 -6.75 -9.93 -11.55
N HIS A 44 -6.20 -11.02 -12.08
CA HIS A 44 -5.86 -11.10 -13.49
C HIS A 44 -4.97 -9.94 -13.92
N ARG A 1 -5.62 5.04 4.97
CA ARG A 1 -6.85 5.06 4.19
C ARG A 1 -7.35 6.50 4.01
N ARG A 2 -6.47 7.36 3.51
CA ARG A 2 -6.81 8.76 3.29
C ARG A 2 -7.72 8.91 2.07
N ARG A 3 -8.11 10.14 1.79
CA ARG A 3 -8.98 10.42 0.65
C ARG A 3 -8.96 11.91 0.30
N ARG A 4 -7.77 12.48 0.24
CA ARG A 4 -7.60 13.90 -0.08
C ARG A 4 -7.61 14.11 -1.60
N ARG A 5 -6.71 13.42 -2.29
CA ARG A 5 -6.62 13.55 -3.74
C ARG A 5 -6.70 12.17 -4.41
N ARG A 6 -7.43 11.27 -3.77
CA ARG A 6 -7.59 9.91 -4.31
C ARG A 6 -6.22 9.27 -4.56
N PRO A 7 -5.49 8.98 -3.48
CA PRO A 7 -4.17 8.36 -3.56
C PRO A 7 -4.23 6.90 -4.02
N PRO A 8 -3.06 6.32 -4.32
CA PRO A 8 -2.97 4.93 -4.78
C PRO A 8 -3.29 3.93 -3.68
N CYS A 9 -2.68 4.13 -2.51
CA CYS A 9 -2.91 3.24 -1.37
C CYS A 9 -4.40 3.15 -1.03
N GLU A 10 -5.14 4.20 -1.41
CA GLU A 10 -6.57 4.23 -1.15
C GLU A 10 -7.35 3.43 -2.19
N ASP A 11 -7.18 3.80 -3.46
CA ASP A 11 -7.85 3.11 -4.55
C ASP A 11 -7.65 1.60 -4.46
N VAL A 12 -6.40 1.18 -4.47
CA VAL A 12 -6.06 -0.25 -4.38
C VAL A 12 -6.29 -0.77 -2.97
N ASN A 13 -6.44 0.14 -2.03
CA ASN A 13 -6.66 -0.23 -0.63
C ASN A 13 -5.62 -1.24 -0.16
N GLY A 14 -4.40 -1.10 -0.68
CA GLY A 14 -3.32 -2.01 -0.30
C GLY A 14 -3.04 -1.98 1.19
N GLN A 15 -2.01 -2.71 1.61
CA GLN A 15 -1.64 -2.77 3.02
C GLN A 15 -0.44 -1.88 3.30
N CYS A 16 -0.21 -1.60 4.59
CA CYS A 16 0.92 -0.77 4.99
C CYS A 16 1.88 -1.55 5.88
N GLN A 17 3.09 -1.78 5.37
CA GLN A 17 4.10 -2.51 6.12
C GLN A 17 5.50 -2.23 5.57
N PRO A 18 6.53 -2.56 6.36
CA PRO A 18 7.92 -2.34 5.97
C PRO A 18 8.36 -3.28 4.85
N ARG A 19 9.65 -3.26 4.53
CA ARG A 19 10.20 -4.10 3.49
C ARG A 19 10.52 -5.50 4.02
N GLY A 20 10.37 -5.68 5.33
CA GLY A 20 10.64 -6.96 5.94
C GLY A 20 9.47 -7.91 5.83
N ASN A 21 8.97 -8.11 4.61
CA ASN A 21 7.85 -9.01 4.38
C ASN A 21 7.76 -9.40 2.90
N PRO A 22 7.08 -10.53 2.64
CA PRO A 22 6.91 -11.04 1.27
C PRO A 22 5.99 -10.15 0.43
N CYS A 23 5.16 -9.37 1.11
CA CYS A 23 4.22 -8.49 0.43
C CYS A 23 4.94 -7.63 -0.61
N LEU A 24 4.30 -7.46 -1.77
CA LEU A 24 4.88 -6.66 -2.85
C LEU A 24 4.99 -5.19 -2.45
N ARG A 25 5.38 -4.35 -3.40
CA ARG A 25 5.52 -2.93 -3.14
C ARG A 25 4.63 -2.12 -4.08
N LEU A 26 4.25 -0.92 -3.66
CA LEU A 26 3.40 -0.05 -4.45
C LEU A 26 3.94 1.38 -4.47
N ARG A 27 3.79 2.07 -3.35
CA ARG A 27 4.26 3.44 -3.23
C ARG A 27 4.45 3.83 -1.76
N GLY A 28 4.84 5.09 -1.53
CA GLY A 28 5.04 5.56 -0.18
C GLY A 28 3.84 6.30 0.37
N ALA A 29 2.70 6.11 -0.27
CA ALA A 29 1.47 6.77 0.15
C ALA A 29 1.13 6.42 1.60
N CYS A 30 1.65 5.29 2.06
CA CYS A 30 1.40 4.84 3.42
C CYS A 30 2.07 5.77 4.44
N PRO A 31 1.65 5.68 5.70
CA PRO A 31 2.19 6.50 6.79
C PRO A 31 3.63 6.11 7.14
N ARG A 32 4.35 7.03 7.75
CA ARG A 32 5.73 6.79 8.14
C ARG A 32 5.84 5.48 8.95
N GLY A 33 6.98 4.82 8.82
CA GLY A 33 7.20 3.57 9.53
C GLY A 33 6.81 2.36 8.71
N SER A 34 5.94 2.57 7.72
CA SER A 34 5.48 1.49 6.86
C SER A 34 5.37 1.96 5.41
N ARG A 35 5.13 1.00 4.52
CA ARG A 35 5.01 1.32 3.09
C ARG A 35 3.84 0.56 2.47
N CYS A 36 3.30 1.09 1.38
CA CYS A 36 2.18 0.49 0.69
C CYS A 36 2.62 -0.80 -0.02
N CYS A 37 2.21 -1.94 0.53
CA CYS A 37 2.55 -3.24 -0.05
C CYS A 37 1.38 -3.82 -0.81
N MET A 38 1.66 -4.53 -1.89
CA MET A 38 0.62 -5.15 -2.71
C MET A 38 0.37 -6.59 -2.25
N PRO A 39 -0.91 -6.92 -2.03
CA PRO A 39 -1.32 -8.26 -1.59
C PRO A 39 -1.15 -9.30 -2.68
N THR A 40 -1.51 -10.54 -2.38
CA THR A 40 -1.40 -11.63 -3.33
C THR A 40 -2.75 -11.96 -3.96
N VAL A 41 -3.54 -10.92 -4.21
CA VAL A 41 -4.86 -11.09 -4.82
C VAL A 41 -4.83 -10.82 -6.31
N ALA A 42 -5.52 -11.65 -7.08
CA ALA A 42 -5.57 -11.49 -8.53
C ALA A 42 -4.16 -11.45 -9.12
N ALA A 43 -3.64 -12.62 -9.49
CA ALA A 43 -2.31 -12.72 -10.07
C ALA A 43 -2.39 -13.01 -11.56
N HIS A 44 -1.76 -12.15 -12.37
CA HIS A 44 -1.75 -12.32 -13.81
C HIS A 44 -3.19 -12.40 -14.35
N ARG A 1 -8.07 10.60 6.01
CA ARG A 1 -6.85 9.89 6.38
C ARG A 1 -6.30 9.12 5.19
N ARG A 2 -7.20 8.52 4.40
CA ARG A 2 -6.80 7.76 3.23
C ARG A 2 -7.66 8.13 2.02
N ARG A 3 -7.39 9.30 1.44
CA ARG A 3 -8.13 9.77 0.29
C ARG A 3 -7.56 11.11 -0.21
N ARG A 4 -6.25 11.27 -0.07
CA ARG A 4 -5.58 12.49 -0.50
C ARG A 4 -5.43 12.51 -2.03
N ARG A 5 -6.35 13.20 -2.70
CA ARG A 5 -6.32 13.30 -4.16
C ARG A 5 -6.44 11.92 -4.80
N ARG A 6 -7.13 11.02 -4.12
CA ARG A 6 -7.33 9.66 -4.63
C ARG A 6 -5.98 8.98 -4.85
N PRO A 7 -5.29 8.65 -3.76
CA PRO A 7 -3.98 7.98 -3.83
C PRO A 7 -4.09 6.54 -4.31
N PRO A 8 -2.93 5.92 -4.58
CA PRO A 8 -2.85 4.55 -5.06
C PRO A 8 -3.25 3.53 -3.98
N CYS A 9 -2.66 3.69 -2.80
CA CYS A 9 -2.93 2.79 -1.69
C CYS A 9 -4.43 2.75 -1.39
N GLU A 10 -5.13 3.82 -1.75
CA GLU A 10 -6.57 3.89 -1.52
C GLU A 10 -7.33 3.13 -2.60
N ASP A 11 -7.13 3.54 -3.85
CA ASP A 11 -7.80 2.89 -4.97
C ASP A 11 -7.62 1.39 -4.94
N VAL A 12 -6.36 0.95 -4.98
CA VAL A 12 -6.06 -0.48 -4.95
C VAL A 12 -6.29 -1.05 -3.56
N ASN A 13 -6.47 -0.17 -2.58
CA ASN A 13 -6.71 -0.59 -1.20
C ASN A 13 -5.63 -1.58 -0.75
N GLY A 14 -4.41 -1.09 -0.60
CA GLY A 14 -3.31 -1.93 -0.17
C GLY A 14 -3.07 -1.85 1.32
N GLN A 15 -1.99 -2.48 1.78
CA GLN A 15 -1.64 -2.47 3.20
C GLN A 15 -0.41 -1.62 3.45
N CYS A 16 -0.14 -1.33 4.72
CA CYS A 16 1.02 -0.52 5.09
C CYS A 16 2.00 -1.33 5.93
N GLN A 17 3.13 -1.71 5.33
CA GLN A 17 4.14 -2.50 6.02
C GLN A 17 5.53 -2.17 5.49
N PRO A 18 6.56 -2.54 6.26
CA PRO A 18 7.96 -2.30 5.88
C PRO A 18 8.40 -3.16 4.70
N ARG A 19 9.70 -3.15 4.41
CA ARG A 19 10.24 -3.92 3.31
C ARG A 19 10.53 -5.36 3.73
N GLY A 20 10.44 -5.61 5.04
CA GLY A 20 10.69 -6.94 5.57
C GLY A 20 9.49 -7.87 5.39
N ASN A 21 9.03 -8.00 4.16
CA ASN A 21 7.88 -8.86 3.87
C ASN A 21 7.80 -9.17 2.38
N PRO A 22 7.17 -10.30 2.04
CA PRO A 22 7.01 -10.74 0.65
C PRO A 22 6.04 -9.86 -0.13
N CYS A 23 5.28 -9.03 0.61
CA CYS A 23 4.31 -8.13 -0.01
C CYS A 23 4.95 -7.35 -1.15
N LEU A 24 4.18 -7.13 -2.22
CA LEU A 24 4.67 -6.39 -3.38
C LEU A 24 4.64 -4.89 -3.12
N ARG A 25 5.78 -4.33 -2.77
CA ARG A 25 5.89 -2.89 -2.50
C ARG A 25 5.26 -2.08 -3.62
N LEU A 26 4.35 -1.19 -3.26
CA LEU A 26 3.67 -0.35 -4.25
C LEU A 26 4.33 1.03 -4.33
N ARG A 27 4.09 1.85 -3.31
CA ARG A 27 4.65 3.19 -3.26
C ARG A 27 4.68 3.73 -1.84
N GLY A 28 5.09 4.99 -1.67
CA GLY A 28 5.16 5.59 -0.36
C GLY A 28 3.86 6.27 0.03
N ALA A 29 2.74 5.59 -0.24
CA ALA A 29 1.43 6.13 0.09
C ALA A 29 0.96 5.64 1.45
N CYS A 30 1.88 5.52 2.39
CA CYS A 30 1.56 5.05 3.73
C CYS A 30 2.26 5.91 4.79
N PRO A 31 1.77 5.82 6.04
CA PRO A 31 2.33 6.57 7.16
C PRO A 31 3.71 6.08 7.55
N ARG A 32 4.47 6.94 8.25
CA ARG A 32 5.81 6.59 8.69
C ARG A 32 5.82 5.25 9.41
N GLY A 33 6.89 4.48 9.24
CA GLY A 33 7.00 3.18 9.88
C GLY A 33 6.60 2.05 8.97
N SER A 34 5.81 2.37 7.94
CA SER A 34 5.36 1.36 7.00
C SER A 34 5.16 1.96 5.60
N ARG A 35 5.10 1.10 4.59
CA ARG A 35 4.93 1.56 3.22
C ARG A 35 3.80 0.80 2.54
N CYS A 36 3.24 1.38 1.49
CA CYS A 36 2.15 0.76 0.74
C CYS A 36 2.63 -0.53 0.05
N CYS A 37 1.96 -1.64 0.37
CA CYS A 37 2.32 -2.93 -0.21
C CYS A 37 1.10 -3.57 -0.87
N MET A 38 1.36 -4.52 -1.77
CA MET A 38 0.28 -5.22 -2.47
C MET A 38 0.14 -6.65 -1.94
N PRO A 39 -1.02 -6.93 -1.32
CA PRO A 39 -1.32 -8.26 -0.77
C PRO A 39 -1.53 -9.30 -1.86
N THR A 40 -1.87 -10.52 -1.44
CA THR A 40 -2.10 -11.62 -2.38
C THR A 40 -3.59 -11.94 -2.48
N VAL A 41 -4.42 -10.92 -2.31
CA VAL A 41 -5.87 -11.10 -2.39
C VAL A 41 -6.31 -11.39 -3.82
N ALA A 42 -7.62 -11.58 -3.99
CA ALA A 42 -8.16 -11.86 -5.32
C ALA A 42 -9.49 -11.13 -5.52
N ALA A 43 -9.51 -10.23 -6.50
CA ALA A 43 -10.71 -9.45 -6.80
C ALA A 43 -11.15 -8.62 -5.60
N HIS A 44 -12.23 -7.87 -5.77
CA HIS A 44 -12.76 -7.03 -4.70
C HIS A 44 -11.71 -6.02 -4.24
N ARG A 1 -2.30 10.44 7.28
CA ARG A 1 -3.07 11.23 6.32
C ARG A 1 -3.57 10.36 5.17
N ARG A 2 -4.86 10.07 5.17
CA ARG A 2 -5.46 9.24 4.12
C ARG A 2 -6.71 9.91 3.55
N ARG A 3 -7.08 9.51 2.35
CA ARG A 3 -8.26 10.07 1.67
C ARG A 3 -8.13 11.59 1.54
N ARG A 4 -7.49 12.02 0.45
CA ARG A 4 -7.30 13.44 0.19
C ARG A 4 -7.45 13.75 -1.29
N ARG A 5 -6.62 13.10 -2.11
CA ARG A 5 -6.66 13.31 -3.55
C ARG A 5 -6.74 11.97 -4.29
N ARG A 6 -7.39 10.99 -3.67
CA ARG A 6 -7.53 9.67 -4.26
C ARG A 6 -6.17 9.03 -4.52
N PRO A 7 -5.47 8.68 -3.43
CA PRO A 7 -4.15 8.05 -3.51
C PRO A 7 -4.21 6.63 -4.07
N PRO A 8 -3.03 6.06 -4.36
CA PRO A 8 -2.92 4.71 -4.91
C PRO A 8 -3.29 3.64 -3.88
N CYS A 9 -2.71 3.75 -2.70
CA CYS A 9 -2.98 2.80 -1.62
C CYS A 9 -4.47 2.70 -1.33
N GLU A 10 -5.21 3.76 -1.66
CA GLU A 10 -6.64 3.80 -1.44
C GLU A 10 -7.38 3.06 -2.56
N ASP A 11 -7.19 3.51 -3.78
CA ASP A 11 -7.84 2.90 -4.94
C ASP A 11 -7.61 1.40 -4.95
N VAL A 12 -6.35 1.00 -4.97
CA VAL A 12 -5.99 -0.42 -4.98
C VAL A 12 -6.22 -1.06 -3.62
N ASN A 13 -6.43 -0.22 -2.61
CA ASN A 13 -6.66 -0.70 -1.25
C ASN A 13 -5.56 -1.66 -0.83
N GLY A 14 -4.37 -1.13 -0.60
CA GLY A 14 -3.25 -1.97 -0.19
C GLY A 14 -3.06 -1.98 1.31
N GLN A 15 -1.95 -2.57 1.76
CA GLN A 15 -1.65 -2.65 3.19
C GLN A 15 -0.33 -1.97 3.51
N CYS A 16 -0.31 -1.20 4.59
CA CYS A 16 0.90 -0.50 5.00
C CYS A 16 1.82 -1.43 5.79
N GLN A 17 2.78 -2.02 5.10
CA GLN A 17 3.73 -2.94 5.73
C GLN A 17 5.15 -2.36 5.70
N PRO A 18 5.99 -2.82 6.63
CA PRO A 18 7.39 -2.37 6.72
C PRO A 18 8.24 -2.86 5.56
N ARG A 19 9.55 -2.62 5.64
CA ARG A 19 10.46 -3.05 4.60
C ARG A 19 11.10 -4.39 4.94
N GLY A 20 10.25 -5.42 5.06
CA GLY A 20 10.75 -6.74 5.38
C GLY A 20 9.70 -7.82 5.21
N ASN A 21 8.79 -7.61 4.25
CA ASN A 21 7.73 -8.56 3.98
C ASN A 21 7.81 -9.09 2.56
N PRO A 22 7.49 -10.38 2.38
CA PRO A 22 7.53 -11.04 1.07
C PRO A 22 6.42 -10.54 0.15
N CYS A 23 5.53 -9.72 0.69
CA CYS A 23 4.43 -9.17 -0.09
C CYS A 23 4.94 -8.35 -1.27
N LEU A 24 4.04 -7.62 -1.92
CA LEU A 24 4.41 -6.79 -3.05
C LEU A 24 4.46 -5.32 -2.68
N ARG A 25 5.22 -4.54 -3.44
CA ARG A 25 5.36 -3.11 -3.18
C ARG A 25 4.46 -2.30 -4.10
N LEU A 26 4.05 -1.12 -3.64
CA LEU A 26 3.19 -0.26 -4.43
C LEU A 26 3.77 1.16 -4.51
N ARG A 27 3.67 1.90 -3.42
CA ARG A 27 4.19 3.27 -3.37
C ARG A 27 4.43 3.71 -1.93
N GLY A 28 4.79 4.97 -1.76
CA GLY A 28 5.05 5.50 -0.43
C GLY A 28 3.81 6.11 0.19
N ALA A 29 2.64 5.68 -0.28
CA ALA A 29 1.38 6.19 0.24
C ALA A 29 1.04 5.56 1.59
N CYS A 30 1.93 5.74 2.55
CA CYS A 30 1.73 5.18 3.89
C CYS A 30 2.49 6.00 4.94
N PRO A 31 2.10 5.82 6.21
CA PRO A 31 2.73 6.53 7.33
C PRO A 31 4.15 6.05 7.59
N ARG A 32 4.94 6.89 8.27
CA ARG A 32 6.32 6.55 8.58
C ARG A 32 6.41 5.18 9.24
N GLY A 33 7.49 4.46 8.95
CA GLY A 33 7.67 3.14 9.53
C GLY A 33 7.00 2.05 8.72
N SER A 34 6.22 2.46 7.73
CA SER A 34 5.51 1.51 6.87
C SER A 34 5.34 2.06 5.46
N ARG A 35 5.12 1.17 4.50
CA ARG A 35 4.94 1.58 3.11
C ARG A 35 3.77 0.83 2.48
N CYS A 36 3.23 1.41 1.41
CA CYS A 36 2.10 0.80 0.72
C CYS A 36 2.52 -0.47 0.00
N CYS A 37 2.08 -1.62 0.50
CA CYS A 37 2.41 -2.90 -0.09
C CYS A 37 1.16 -3.58 -0.66
N MET A 38 1.27 -4.06 -1.90
CA MET A 38 0.16 -4.73 -2.56
C MET A 38 0.01 -6.17 -2.05
N PRO A 39 -1.23 -6.56 -1.75
CA PRO A 39 -1.53 -7.91 -1.25
C PRO A 39 -1.35 -8.98 -2.33
N THR A 40 -1.77 -10.19 -2.02
CA THR A 40 -1.66 -11.30 -2.96
C THR A 40 -3.03 -11.74 -3.47
N VAL A 41 -3.87 -10.77 -3.81
CA VAL A 41 -5.21 -11.06 -4.30
C VAL A 41 -5.21 -11.19 -5.81
N ALA A 42 -6.38 -11.46 -6.38
CA ALA A 42 -6.53 -11.61 -7.82
C ALA A 42 -7.91 -11.18 -8.29
N ALA A 43 -7.96 -10.36 -9.33
CA ALA A 43 -9.22 -9.87 -9.88
C ALA A 43 -9.59 -10.63 -11.14
N HIS A 44 -10.84 -10.48 -11.57
CA HIS A 44 -11.33 -11.15 -12.77
C HIS A 44 -12.22 -10.22 -13.59
N ARG A 1 -8.59 6.00 7.85
CA ARG A 1 -9.28 6.41 6.65
C ARG A 1 -8.61 7.61 6.00
N ARG A 2 -8.01 7.39 4.84
CA ARG A 2 -7.32 8.45 4.12
C ARG A 2 -8.01 8.76 2.79
N ARG A 3 -7.67 9.90 2.21
CA ARG A 3 -8.26 10.31 0.95
C ARG A 3 -7.63 11.61 0.44
N ARG A 4 -6.31 11.59 0.31
CA ARG A 4 -5.58 12.76 -0.16
C ARG A 4 -5.52 12.80 -1.68
N ARG A 5 -6.50 13.48 -2.29
CA ARG A 5 -6.57 13.58 -3.74
C ARG A 5 -6.67 12.20 -4.38
N ARG A 6 -7.38 11.30 -3.71
CA ARG A 6 -7.55 9.94 -4.22
C ARG A 6 -6.20 9.28 -4.49
N PRO A 7 -5.46 8.98 -3.42
CA PRO A 7 -4.15 8.36 -3.51
C PRO A 7 -4.22 6.90 -3.98
N PRO A 8 -3.06 6.31 -4.29
CA PRO A 8 -2.98 4.92 -4.75
C PRO A 8 -3.31 3.92 -3.65
N CYS A 9 -2.69 4.11 -2.50
CA CYS A 9 -2.92 3.22 -1.36
C CYS A 9 -4.40 3.12 -1.04
N GLU A 10 -5.16 4.15 -1.40
CA GLU A 10 -6.59 4.18 -1.14
C GLU A 10 -7.35 3.39 -2.21
N ASP A 11 -7.14 3.76 -3.47
CA ASP A 11 -7.80 3.08 -4.59
C ASP A 11 -7.63 1.57 -4.49
N VAL A 12 -6.38 1.12 -4.47
CA VAL A 12 -6.07 -0.29 -4.38
C VAL A 12 -6.29 -0.81 -2.96
N ASN A 13 -6.44 0.10 -2.01
CA ASN A 13 -6.66 -0.25 -0.62
C ASN A 13 -5.61 -1.26 -0.15
N GLY A 14 -4.40 -1.12 -0.67
CA GLY A 14 -3.33 -2.02 -0.29
C GLY A 14 -3.05 -1.99 1.20
N GLN A 15 -2.00 -2.71 1.62
CA GLN A 15 -1.64 -2.77 3.03
C GLN A 15 -0.43 -1.88 3.31
N CYS A 16 -0.19 -1.60 4.59
CA CYS A 16 0.93 -0.77 5.00
C CYS A 16 1.90 -1.55 5.89
N GLN A 17 3.11 -1.77 5.38
CA GLN A 17 4.12 -2.51 6.12
C GLN A 17 5.52 -2.23 5.57
N PRO A 18 6.54 -2.56 6.36
CA PRO A 18 7.95 -2.35 5.96
C PRO A 18 8.37 -3.29 4.85
N ARG A 19 9.66 -3.27 4.52
CA ARG A 19 10.20 -4.12 3.47
C ARG A 19 10.52 -5.51 4.01
N GLY A 20 10.38 -5.68 5.31
CA GLY A 20 10.65 -6.97 5.93
C GLY A 20 9.48 -7.93 5.82
N ASN A 21 8.98 -8.12 4.60
CA ASN A 21 7.86 -9.01 4.38
C ASN A 21 7.77 -9.41 2.90
N PRO A 22 7.08 -10.53 2.63
CA PRO A 22 6.91 -11.04 1.27
C PRO A 22 5.99 -10.17 0.43
N CYS A 23 5.15 -9.37 1.11
CA CYS A 23 4.23 -8.49 0.42
C CYS A 23 4.95 -7.63 -0.62
N LEU A 24 4.31 -7.45 -1.77
CA LEU A 24 4.90 -6.66 -2.84
C LEU A 24 5.00 -5.19 -2.44
N ARG A 25 5.39 -4.35 -3.39
CA ARG A 25 5.53 -2.92 -3.13
C ARG A 25 4.64 -2.11 -4.08
N LEU A 26 4.26 -0.91 -3.64
CA LEU A 26 3.41 -0.05 -4.44
C LEU A 26 3.95 1.38 -4.46
N ARG A 27 3.80 2.08 -3.34
CA ARG A 27 4.27 3.45 -3.23
C ARG A 27 4.44 3.84 -1.76
N GLY A 28 4.84 5.09 -1.53
CA GLY A 28 5.04 5.57 -0.18
C GLY A 28 3.83 6.31 0.36
N ALA A 29 2.68 6.11 -0.27
CA ALA A 29 1.45 6.76 0.14
C ALA A 29 1.11 6.41 1.59
N CYS A 30 1.64 5.29 2.07
CA CYS A 30 1.40 4.84 3.42
C CYS A 30 2.07 5.77 4.44
N PRO A 31 1.64 5.68 5.70
CA PRO A 31 2.19 6.51 6.78
C PRO A 31 3.62 6.12 7.15
N ARG A 32 4.34 7.05 7.75
CA ARG A 32 5.72 6.81 8.14
C ARG A 32 5.84 5.51 8.94
N GLY A 33 6.98 4.84 8.83
CA GLY A 33 7.20 3.60 9.53
C GLY A 33 6.80 2.39 8.72
N SER A 34 5.94 2.60 7.72
CA SER A 34 5.48 1.51 6.87
C SER A 34 5.37 1.98 5.42
N ARG A 35 5.15 1.02 4.52
CA ARG A 35 5.02 1.32 3.10
C ARG A 35 3.86 0.57 2.48
N CYS A 36 3.32 1.11 1.38
CA CYS A 36 2.19 0.49 0.70
C CYS A 36 2.63 -0.79 -0.01
N CYS A 37 2.22 -1.93 0.53
CA CYS A 37 2.56 -3.23 -0.05
C CYS A 37 1.38 -3.82 -0.80
N MET A 38 1.67 -4.52 -1.89
CA MET A 38 0.63 -5.14 -2.71
C MET A 38 0.38 -6.58 -2.26
N PRO A 39 -0.90 -6.90 -2.02
CA PRO A 39 -1.31 -8.24 -1.58
C PRO A 39 -1.14 -9.28 -2.68
N THR A 40 -1.65 -10.49 -2.43
CA THR A 40 -1.56 -11.58 -3.40
C THR A 40 -2.91 -11.85 -4.04
N VAL A 41 -3.65 -10.79 -4.34
CA VAL A 41 -4.96 -10.93 -4.95
C VAL A 41 -4.85 -11.11 -6.46
N ALA A 42 -5.99 -11.28 -7.12
CA ALA A 42 -6.01 -11.46 -8.57
C ALA A 42 -6.92 -10.44 -9.24
N ALA A 43 -6.96 -10.45 -10.56
CA ALA A 43 -7.78 -9.53 -11.32
C ALA A 43 -9.26 -9.83 -11.12
N HIS A 44 -9.96 -8.91 -10.47
CA HIS A 44 -11.40 -9.08 -10.21
C HIS A 44 -12.22 -8.19 -11.13
N ARG A 1 -1.43 11.57 2.89
CA ARG A 1 -2.80 11.74 2.44
C ARG A 1 -3.63 10.50 2.73
N ARG A 2 -4.75 10.69 3.45
CA ARG A 2 -5.63 9.58 3.80
C ARG A 2 -7.04 9.84 3.31
N ARG A 3 -7.34 9.33 2.11
CA ARG A 3 -8.67 9.50 1.53
C ARG A 3 -9.02 10.98 1.41
N ARG A 4 -8.71 11.57 0.25
CA ARG A 4 -8.99 12.98 0.01
C ARG A 4 -8.97 13.29 -1.48
N ARG A 5 -7.87 12.95 -2.14
CA ARG A 5 -7.73 13.18 -3.57
C ARG A 5 -7.51 11.87 -4.33
N ARG A 6 -8.11 10.80 -3.83
CA ARG A 6 -7.98 9.49 -4.46
C ARG A 6 -6.51 9.07 -4.53
N PRO A 7 -5.93 8.72 -3.38
CA PRO A 7 -4.53 8.29 -3.29
C PRO A 7 -4.30 6.92 -3.94
N PRO A 8 -3.02 6.55 -4.09
CA PRO A 8 -2.64 5.27 -4.70
C PRO A 8 -2.99 4.08 -3.81
N CYS A 9 -2.75 4.22 -2.51
CA CYS A 9 -3.04 3.15 -1.56
C CYS A 9 -4.55 2.89 -1.49
N GLU A 10 -5.33 3.82 -2.03
CA GLU A 10 -6.78 3.68 -2.03
C GLU A 10 -7.26 2.95 -3.28
N ASP A 11 -6.94 3.50 -4.44
CA ASP A 11 -7.33 2.90 -5.71
C ASP A 11 -6.96 1.43 -5.76
N VAL A 12 -5.70 1.13 -5.45
CA VAL A 12 -5.20 -0.24 -5.46
C VAL A 12 -5.53 -0.95 -4.16
N ASN A 13 -5.93 -0.17 -3.15
CA ASN A 13 -6.27 -0.73 -1.84
C ASN A 13 -5.14 -1.62 -1.33
N GLY A 14 -4.06 -1.00 -0.87
CA GLY A 14 -2.93 -1.75 -0.35
C GLY A 14 -2.86 -1.71 1.17
N GLN A 15 -1.87 -2.41 1.73
CA GLN A 15 -1.70 -2.45 3.17
C GLN A 15 -0.33 -1.91 3.57
N CYS A 16 -0.32 -1.00 4.54
CA CYS A 16 0.92 -0.40 5.01
C CYS A 16 1.81 -1.45 5.68
N GLN A 17 2.82 -1.91 4.96
CA GLN A 17 3.74 -2.91 5.48
C GLN A 17 5.19 -2.43 5.38
N PRO A 18 6.05 -2.96 6.26
CA PRO A 18 7.47 -2.60 6.30
C PRO A 18 8.23 -3.12 5.09
N ARG A 19 9.55 -2.96 5.10
CA ARG A 19 10.39 -3.41 4.01
C ARG A 19 11.00 -4.78 4.31
N GLY A 20 10.21 -5.63 4.96
CA GLY A 20 10.69 -6.96 5.31
C GLY A 20 9.60 -8.01 5.21
N ASN A 21 8.88 -8.01 4.09
CA ASN A 21 7.80 -8.97 3.87
C ASN A 21 7.83 -9.51 2.44
N PRO A 22 7.33 -10.74 2.27
CA PRO A 22 7.28 -11.40 0.96
C PRO A 22 6.28 -10.74 0.02
N CYS A 23 5.38 -9.95 0.58
CA CYS A 23 4.35 -9.26 -0.21
C CYS A 23 5.00 -8.36 -1.26
N LEU A 24 4.18 -7.56 -1.93
CA LEU A 24 4.67 -6.65 -2.96
C LEU A 24 4.59 -5.21 -2.48
N ARG A 25 5.17 -4.30 -3.26
CA ARG A 25 5.16 -2.88 -2.92
C ARG A 25 4.35 -2.07 -3.92
N LEU A 26 3.92 -0.89 -3.51
CA LEU A 26 3.12 -0.02 -4.38
C LEU A 26 3.66 1.41 -4.36
N ARG A 27 3.32 2.14 -3.31
CA ARG A 27 3.76 3.53 -3.18
C ARG A 27 3.67 3.99 -1.73
N GLY A 28 3.95 5.27 -1.49
CA GLY A 28 3.89 5.81 -0.14
C GLY A 28 2.49 5.76 0.43
N ALA A 29 1.86 6.93 0.55
CA ALA A 29 0.51 7.02 1.10
C ALA A 29 0.40 6.24 2.40
N CYS A 30 1.50 6.14 3.13
CA CYS A 30 1.52 5.43 4.40
C CYS A 30 2.37 6.16 5.43
N PRO A 31 2.18 5.82 6.71
CA PRO A 31 2.92 6.43 7.81
C PRO A 31 4.38 6.01 7.83
N ARG A 32 5.22 6.82 8.50
CA ARG A 32 6.64 6.54 8.58
C ARG A 32 6.89 5.13 9.10
N GLY A 33 7.95 4.49 8.61
CA GLY A 33 8.27 3.14 9.04
C GLY A 33 7.44 2.10 8.33
N SER A 34 6.52 2.55 7.48
CA SER A 34 5.65 1.63 6.74
C SER A 34 5.38 2.16 5.34
N ARG A 35 5.14 1.25 4.41
CA ARG A 35 4.86 1.61 3.02
C ARG A 35 3.73 0.76 2.44
N CYS A 36 2.97 1.34 1.53
CA CYS A 36 1.87 0.64 0.89
C CYS A 36 2.36 -0.60 0.16
N CYS A 37 2.00 -1.77 0.66
CA CYS A 37 2.40 -3.03 0.05
C CYS A 37 1.19 -3.78 -0.51
N MET A 38 1.37 -4.37 -1.69
CA MET A 38 0.29 -5.11 -2.33
C MET A 38 0.08 -6.46 -1.64
N PRO A 39 -1.18 -6.77 -1.32
CA PRO A 39 -1.53 -8.03 -0.66
C PRO A 39 -1.37 -9.24 -1.58
N THR A 40 -1.72 -10.42 -1.07
CA THR A 40 -1.61 -11.64 -1.84
C THR A 40 -2.98 -12.12 -2.31
N VAL A 41 -3.88 -11.18 -2.55
CA VAL A 41 -5.22 -11.50 -3.00
C VAL A 41 -5.21 -12.06 -4.42
N ALA A 42 -6.36 -12.57 -4.86
CA ALA A 42 -6.47 -13.14 -6.20
C ALA A 42 -7.06 -12.13 -7.18
N ALA A 43 -6.20 -11.58 -8.04
CA ALA A 43 -6.64 -10.60 -9.02
C ALA A 43 -5.73 -10.61 -10.24
N HIS A 44 -5.94 -9.64 -11.14
CA HIS A 44 -5.14 -9.54 -12.36
C HIS A 44 -5.41 -8.22 -13.07
N ARG A 1 -2.49 9.25 5.80
CA ARG A 1 -3.17 10.52 6.06
C ARG A 1 -4.44 10.63 5.22
N ARG A 2 -5.36 9.69 5.40
CA ARG A 2 -6.62 9.69 4.66
C ARG A 2 -6.35 9.65 3.15
N ARG A 3 -7.41 9.79 2.38
CA ARG A 3 -7.31 9.78 0.92
C ARG A 3 -6.91 11.15 0.38
N ARG A 4 -5.61 11.39 0.31
CA ARG A 4 -5.09 12.67 -0.19
C ARG A 4 -5.35 12.82 -1.68
N ARG A 5 -6.54 13.29 -2.03
CA ARG A 5 -6.92 13.47 -3.42
C ARG A 5 -6.94 12.14 -4.17
N ARG A 6 -7.49 11.11 -3.52
CA ARG A 6 -7.56 9.78 -4.12
C ARG A 6 -6.17 9.23 -4.38
N PRO A 7 -5.49 8.80 -3.30
CA PRO A 7 -4.13 8.23 -3.39
C PRO A 7 -4.12 6.86 -4.07
N PRO A 8 -2.92 6.37 -4.38
CA PRO A 8 -2.74 5.07 -5.03
C PRO A 8 -3.09 3.90 -4.11
N CYS A 9 -2.54 3.93 -2.89
CA CYS A 9 -2.80 2.88 -1.92
C CYS A 9 -4.30 2.69 -1.71
N GLU A 10 -5.06 3.75 -1.92
CA GLU A 10 -6.50 3.70 -1.76
C GLU A 10 -7.17 3.06 -2.97
N ASP A 11 -6.85 3.57 -4.15
CA ASP A 11 -7.42 3.05 -5.38
C ASP A 11 -7.28 1.52 -5.45
N VAL A 12 -6.06 1.05 -5.23
CA VAL A 12 -5.78 -0.39 -5.26
C VAL A 12 -6.10 -1.04 -3.93
N ASN A 13 -6.30 -0.21 -2.91
CA ASN A 13 -6.61 -0.71 -1.57
C ASN A 13 -5.58 -1.75 -1.13
N GLY A 14 -4.40 -1.29 -0.75
CA GLY A 14 -3.36 -2.20 -0.32
C GLY A 14 -3.13 -2.15 1.19
N GLN A 15 -1.96 -2.58 1.62
CA GLN A 15 -1.63 -2.58 3.05
C GLN A 15 -0.43 -1.68 3.33
N CYS A 16 -0.10 -1.52 4.60
CA CYS A 16 1.03 -0.69 5.00
C CYS A 16 2.06 -1.50 5.78
N GLN A 17 3.00 -2.11 5.05
CA GLN A 17 4.03 -2.91 5.67
C GLN A 17 5.42 -2.35 5.37
N PRO A 18 6.41 -2.72 6.19
CA PRO A 18 7.79 -2.25 6.03
C PRO A 18 8.46 -2.84 4.79
N ARG A 19 9.75 -2.57 4.64
CA ARG A 19 10.51 -3.07 3.50
C ARG A 19 11.16 -4.41 3.83
N GLY A 20 10.40 -5.29 4.48
CA GLY A 20 10.93 -6.60 4.84
C GLY A 20 9.86 -7.66 4.87
N ASN A 21 8.96 -7.64 3.88
CA ASN A 21 7.87 -8.61 3.80
C ASN A 21 7.84 -9.27 2.43
N PRO A 22 7.31 -10.50 2.38
CA PRO A 22 7.20 -11.27 1.14
C PRO A 22 6.16 -10.68 0.19
N CYS A 23 5.29 -9.83 0.73
CA CYS A 23 4.24 -9.20 -0.07
C CYS A 23 4.84 -8.37 -1.20
N LEU A 24 4.01 -7.57 -1.85
CA LEU A 24 4.45 -6.73 -2.95
C LEU A 24 4.60 -5.28 -2.49
N ARG A 25 5.05 -4.42 -3.40
CA ARG A 25 5.23 -3.00 -3.09
C ARG A 25 4.42 -2.13 -4.05
N LEU A 26 4.13 -0.91 -3.61
CA LEU A 26 3.35 0.02 -4.43
C LEU A 26 4.00 1.41 -4.42
N ARG A 27 3.84 2.12 -3.31
CA ARG A 27 4.42 3.46 -3.19
C ARG A 27 4.56 3.85 -1.72
N GLY A 28 4.94 5.10 -1.48
CA GLY A 28 5.11 5.57 -0.11
C GLY A 28 3.83 6.14 0.47
N ALA A 29 2.69 5.70 -0.07
CA ALA A 29 1.40 6.16 0.40
C ALA A 29 1.01 5.48 1.71
N CYS A 30 1.84 5.67 2.73
CA CYS A 30 1.59 5.07 4.03
C CYS A 30 2.24 5.89 5.15
N PRO A 31 1.79 5.67 6.39
CA PRO A 31 2.32 6.38 7.56
C PRO A 31 3.75 5.96 7.89
N ARG A 32 4.49 6.86 8.54
CA ARG A 32 5.87 6.58 8.92
C ARG A 32 5.99 5.23 9.62
N GLY A 33 6.99 4.45 9.22
CA GLY A 33 7.18 3.15 9.82
C GLY A 33 6.80 2.01 8.89
N SER A 34 6.03 2.33 7.85
CA SER A 34 5.59 1.33 6.90
C SER A 34 5.40 1.95 5.51
N ARG A 35 5.13 1.11 4.52
CA ARG A 35 4.94 1.56 3.15
C ARG A 35 3.79 0.82 2.48
N CYS A 36 3.21 1.43 1.45
CA CYS A 36 2.10 0.83 0.72
C CYS A 36 2.55 -0.44 0.01
N CYS A 37 2.13 -1.59 0.53
CA CYS A 37 2.48 -2.87 -0.06
C CYS A 37 1.24 -3.56 -0.62
N MET A 38 1.42 -4.26 -1.75
CA MET A 38 0.33 -4.97 -2.40
C MET A 38 0.00 -6.26 -1.64
N PRO A 39 -1.30 -6.47 -1.37
CA PRO A 39 -1.77 -7.67 -0.65
C PRO A 39 -1.63 -8.93 -1.49
N THR A 40 -2.12 -10.05 -0.96
CA THR A 40 -2.05 -11.32 -1.65
C THR A 40 -3.44 -11.86 -1.96
N VAL A 41 -4.30 -10.98 -2.45
CA VAL A 41 -5.68 -11.37 -2.79
C VAL A 41 -5.80 -11.71 -4.27
N ALA A 42 -7.00 -12.13 -4.68
CA ALA A 42 -7.25 -12.50 -6.06
C ALA A 42 -8.26 -11.56 -6.69
N ALA A 43 -9.38 -11.35 -6.02
CA ALA A 43 -10.44 -10.48 -6.51
C ALA A 43 -10.87 -10.88 -7.92
N HIS A 44 -11.78 -11.85 -7.99
CA HIS A 44 -12.27 -12.33 -9.28
C HIS A 44 -13.70 -12.85 -9.14
N ARG A 1 -6.27 12.98 5.72
CA ARG A 1 -5.17 12.03 5.54
C ARG A 1 -5.66 10.74 4.91
N ARG A 2 -6.66 10.13 5.53
CA ARG A 2 -7.22 8.87 5.03
C ARG A 2 -8.14 9.13 3.84
N ARG A 3 -7.63 8.91 2.64
CA ARG A 3 -8.41 9.12 1.42
C ARG A 3 -8.80 10.58 1.27
N ARG A 4 -7.85 11.40 0.86
CA ARG A 4 -8.10 12.82 0.67
C ARG A 4 -7.99 13.22 -0.80
N ARG A 5 -6.80 13.04 -1.36
CA ARG A 5 -6.56 13.38 -2.76
C ARG A 5 -6.58 12.12 -3.62
N ARG A 6 -7.36 11.13 -3.20
CA ARG A 6 -7.46 9.88 -3.94
C ARG A 6 -6.08 9.29 -4.24
N PRO A 7 -5.39 8.84 -3.17
CA PRO A 7 -4.05 8.25 -3.29
C PRO A 7 -4.07 6.90 -3.98
N PRO A 8 -2.88 6.38 -4.31
CA PRO A 8 -2.73 5.08 -4.99
C PRO A 8 -3.10 3.92 -4.07
N CYS A 9 -2.53 3.93 -2.86
CA CYS A 9 -2.80 2.86 -1.90
C CYS A 9 -4.30 2.68 -1.68
N GLU A 10 -5.06 3.76 -1.89
CA GLU A 10 -6.51 3.71 -1.73
C GLU A 10 -7.18 3.09 -2.96
N ASP A 11 -6.83 3.60 -4.14
CA ASP A 11 -7.40 3.10 -5.38
C ASP A 11 -7.28 1.59 -5.46
N VAL A 12 -6.07 1.09 -5.22
CA VAL A 12 -5.82 -0.35 -5.26
C VAL A 12 -6.11 -1.01 -3.92
N ASN A 13 -6.31 -0.19 -2.90
CA ASN A 13 -6.60 -0.68 -1.56
C ASN A 13 -5.59 -1.74 -1.13
N GLY A 14 -4.40 -1.28 -0.73
CA GLY A 14 -3.36 -2.20 -0.31
C GLY A 14 -3.13 -2.15 1.19
N GLN A 15 -1.95 -2.60 1.62
CA GLN A 15 -1.61 -2.61 3.04
C GLN A 15 -0.42 -1.70 3.32
N CYS A 16 -0.10 -1.55 4.59
CA CYS A 16 1.02 -0.69 5.00
C CYS A 16 2.06 -1.50 5.78
N GLN A 17 3.00 -2.10 5.06
CA GLN A 17 4.05 -2.90 5.69
C GLN A 17 5.42 -2.33 5.37
N PRO A 18 6.42 -2.69 6.20
CA PRO A 18 7.80 -2.23 6.01
C PRO A 18 8.46 -2.85 4.78
N ARG A 19 9.75 -2.58 4.61
CA ARG A 19 10.50 -3.10 3.48
C ARG A 19 11.15 -4.43 3.83
N GLY A 20 10.39 -5.31 4.47
CA GLY A 20 10.91 -6.61 4.85
C GLY A 20 9.84 -7.68 4.88
N ASN A 21 8.94 -7.64 3.90
CA ASN A 21 7.86 -8.61 3.81
C ASN A 21 7.83 -9.27 2.44
N PRO A 22 7.30 -10.51 2.39
CA PRO A 22 7.20 -11.27 1.13
C PRO A 22 6.16 -10.69 0.19
N CYS A 23 5.29 -9.84 0.72
CA CYS A 23 4.25 -9.21 -0.08
C CYS A 23 4.84 -8.37 -1.21
N LEU A 24 4.01 -7.58 -1.86
CA LEU A 24 4.46 -6.73 -2.96
C LEU A 24 4.60 -5.28 -2.50
N ARG A 25 5.05 -4.42 -3.41
CA ARG A 25 5.23 -3.01 -3.10
C ARG A 25 4.42 -2.14 -4.05
N LEU A 26 4.12 -0.92 -3.61
CA LEU A 26 3.36 0.02 -4.42
C LEU A 26 4.00 1.39 -4.42
N ARG A 27 3.84 2.12 -3.31
CA ARG A 27 4.42 3.46 -3.19
C ARG A 27 4.56 3.84 -1.72
N GLY A 28 4.94 5.10 -1.48
CA GLY A 28 5.11 5.57 -0.12
C GLY A 28 3.82 6.13 0.46
N ALA A 29 2.69 5.70 -0.09
CA ALA A 29 1.39 6.16 0.39
C ALA A 29 1.00 5.48 1.70
N CYS A 30 1.84 5.67 2.72
CA CYS A 30 1.58 5.06 4.03
C CYS A 30 2.23 5.89 5.14
N PRO A 31 1.77 5.66 6.38
CA PRO A 31 2.29 6.37 7.56
C PRO A 31 3.72 5.97 7.89
N ARG A 32 4.46 6.87 8.54
CA ARG A 32 5.83 6.61 8.92
C ARG A 32 5.96 5.27 9.63
N GLY A 33 6.95 4.48 9.22
CA GLY A 33 7.15 3.18 9.83
C GLY A 33 6.81 2.03 8.89
N SER A 34 6.03 2.33 7.86
CA SER A 34 5.63 1.33 6.89
C SER A 34 5.45 1.94 5.50
N ARG A 35 5.14 1.10 4.52
CA ARG A 35 4.95 1.56 3.15
C ARG A 35 3.80 0.81 2.48
N CYS A 36 3.22 1.42 1.46
CA CYS A 36 2.12 0.82 0.73
C CYS A 36 2.56 -0.45 0.01
N CYS A 37 2.13 -1.59 0.53
CA CYS A 37 2.48 -2.88 -0.06
C CYS A 37 1.25 -3.57 -0.63
N MET A 38 1.44 -4.27 -1.75
CA MET A 38 0.34 -4.97 -2.40
C MET A 38 0.00 -6.26 -1.65
N PRO A 39 -1.30 -6.47 -1.38
CA PRO A 39 -1.77 -7.66 -0.68
C PRO A 39 -1.65 -8.93 -1.51
N THR A 40 -2.08 -10.05 -0.95
CA THR A 40 -2.01 -11.33 -1.65
C THR A 40 -3.40 -11.92 -1.85
N VAL A 41 -4.36 -11.07 -2.16
CA VAL A 41 -5.74 -11.50 -2.38
C VAL A 41 -5.94 -11.97 -3.82
N ALA A 42 -7.05 -12.67 -4.05
CA ALA A 42 -7.36 -13.19 -5.38
C ALA A 42 -8.58 -12.49 -5.96
N ALA A 43 -8.34 -11.35 -6.61
CA ALA A 43 -9.42 -10.57 -7.22
C ALA A 43 -9.05 -10.14 -8.64
N HIS A 44 -9.88 -9.28 -9.21
CA HIS A 44 -9.63 -8.78 -10.57
C HIS A 44 -9.69 -9.92 -11.58
N ARG A 1 -4.34 4.55 6.00
CA ARG A 1 -5.45 5.26 5.37
C ARG A 1 -5.37 6.75 5.67
N ARG A 2 -5.81 7.57 4.72
CA ARG A 2 -5.78 9.01 4.87
C ARG A 2 -6.96 9.66 4.14
N ARG A 3 -7.07 9.37 2.85
CA ARG A 3 -8.15 9.92 2.04
C ARG A 3 -8.08 11.45 2.02
N ARG A 4 -6.98 11.97 1.53
CA ARG A 4 -6.79 13.43 1.45
C ARG A 4 -6.60 13.87 0.01
N ARG A 5 -5.55 13.38 -0.63
CA ARG A 5 -5.26 13.73 -2.01
C ARG A 5 -5.36 12.50 -2.92
N ARG A 6 -6.21 11.55 -2.53
CA ARG A 6 -6.39 10.33 -3.31
C ARG A 6 -5.05 9.63 -3.55
N PRO A 7 -4.48 9.06 -2.49
CA PRO A 7 -3.21 8.35 -2.55
C PRO A 7 -3.30 7.04 -3.33
N PRO A 8 -2.15 6.42 -3.61
CA PRO A 8 -2.09 5.16 -4.35
C PRO A 8 -2.63 3.98 -3.54
N CYS A 9 -2.35 3.99 -2.23
CA CYS A 9 -2.81 2.94 -1.34
C CYS A 9 -4.33 2.98 -1.17
N GLU A 10 -4.94 4.07 -1.65
CA GLU A 10 -6.38 4.24 -1.54
C GLU A 10 -7.08 3.77 -2.81
N ASP A 11 -6.59 4.24 -3.96
CA ASP A 11 -7.16 3.86 -5.25
C ASP A 11 -7.10 2.35 -5.45
N VAL A 12 -5.98 1.75 -5.06
CA VAL A 12 -5.80 0.31 -5.20
C VAL A 12 -6.04 -0.40 -3.87
N ASN A 13 -6.46 0.36 -2.87
CA ASN A 13 -6.72 -0.20 -1.55
C ASN A 13 -5.67 -1.25 -1.18
N GLY A 14 -4.51 -0.78 -0.71
CA GLY A 14 -3.45 -1.68 -0.33
C GLY A 14 -3.24 -1.74 1.17
N GLN A 15 -2.12 -2.31 1.59
CA GLN A 15 -1.81 -2.43 3.01
C GLN A 15 -0.54 -1.65 3.36
N CYS A 16 -0.33 -1.40 4.64
CA CYS A 16 0.84 -0.67 5.10
C CYS A 16 1.82 -1.60 5.81
N GLN A 17 2.78 -2.11 5.06
CA GLN A 17 3.78 -3.02 5.62
C GLN A 17 5.19 -2.50 5.37
N PRO A 18 6.16 -3.01 6.14
CA PRO A 18 7.57 -2.61 6.03
C PRO A 18 8.20 -3.10 4.71
N ARG A 19 9.52 -2.97 4.62
CA ARG A 19 10.25 -3.39 3.43
C ARG A 19 10.67 -4.86 3.54
N GLY A 20 10.71 -5.36 4.77
CA GLY A 20 11.09 -6.74 4.99
C GLY A 20 9.91 -7.70 4.89
N ASN A 21 9.38 -7.87 3.68
CA ASN A 21 8.24 -8.75 3.46
C ASN A 21 8.15 -9.14 1.99
N PRO A 22 7.64 -10.36 1.73
CA PRO A 22 7.47 -10.88 0.37
C PRO A 22 6.38 -10.16 -0.39
N CYS A 23 5.62 -9.32 0.31
CA CYS A 23 4.54 -8.57 -0.31
C CYS A 23 5.02 -7.87 -1.58
N LEU A 24 4.07 -7.38 -2.37
CA LEU A 24 4.40 -6.70 -3.62
C LEU A 24 4.46 -5.19 -3.40
N ARG A 25 5.67 -4.67 -3.23
CA ARG A 25 5.86 -3.24 -3.02
C ARG A 25 5.12 -2.42 -4.07
N LEU A 26 4.31 -1.48 -3.61
CA LEU A 26 3.53 -0.63 -4.51
C LEU A 26 4.14 0.76 -4.60
N ARG A 27 3.94 1.57 -3.56
CA ARG A 27 4.46 2.92 -3.52
C ARG A 27 4.55 3.43 -2.09
N GLY A 28 4.92 4.70 -1.93
CA GLY A 28 5.05 5.28 -0.61
C GLY A 28 3.73 5.26 0.15
N ALA A 29 3.09 6.42 0.26
CA ALA A 29 1.82 6.54 0.96
C ALA A 29 1.90 5.88 2.34
N CYS A 30 0.74 5.67 2.96
CA CYS A 30 0.67 5.06 4.28
C CYS A 30 1.43 5.88 5.31
N PRO A 31 1.14 5.64 6.60
CA PRO A 31 1.78 6.35 7.70
C PRO A 31 3.26 5.98 7.85
N ARG A 32 4.02 6.87 8.48
CA ARG A 32 5.45 6.64 8.69
C ARG A 32 5.69 5.27 9.33
N GLY A 33 6.83 4.67 9.03
CA GLY A 33 7.17 3.37 9.58
C GLY A 33 6.72 2.24 8.70
N SER A 34 5.74 2.51 7.83
CA SER A 34 5.21 1.49 6.93
C SER A 34 5.00 2.06 5.53
N ARG A 35 5.01 1.18 4.54
CA ARG A 35 4.83 1.59 3.15
C ARG A 35 3.70 0.80 2.49
N CYS A 36 3.24 1.29 1.34
CA CYS A 36 2.16 0.63 0.61
C CYS A 36 2.66 -0.65 -0.06
N CYS A 37 2.14 -1.79 0.39
CA CYS A 37 2.53 -3.07 -0.16
C CYS A 37 1.29 -3.89 -0.55
N MET A 38 1.46 -4.74 -1.57
CA MET A 38 0.36 -5.58 -2.03
C MET A 38 0.22 -6.83 -1.17
N PRO A 39 -1.00 -7.09 -0.69
CA PRO A 39 -1.29 -8.25 0.16
C PRO A 39 -1.22 -9.56 -0.62
N THR A 40 -1.65 -10.65 0.02
CA THR A 40 -1.63 -11.96 -0.61
C THR A 40 -3.03 -12.36 -1.08
N VAL A 41 -3.48 -11.75 -2.17
CA VAL A 41 -4.80 -12.05 -2.71
C VAL A 41 -4.74 -12.20 -4.23
N ALA A 42 -5.91 -12.34 -4.84
CA ALA A 42 -5.99 -12.49 -6.30
C ALA A 42 -6.82 -11.37 -6.91
N ALA A 43 -7.90 -10.99 -6.23
CA ALA A 43 -8.78 -9.94 -6.70
C ALA A 43 -9.66 -9.41 -5.58
N HIS A 44 -9.46 -8.14 -5.23
CA HIS A 44 -10.24 -7.51 -4.17
C HIS A 44 -10.77 -6.15 -4.62
N ARG A 1 -3.40 13.99 0.95
CA ARG A 1 -3.25 12.62 1.40
C ARG A 1 -4.59 12.04 1.82
N ARG A 2 -5.63 12.31 1.03
CA ARG A 2 -6.97 11.82 1.31
C ARG A 2 -7.67 11.37 0.04
N ARG A 3 -8.90 10.88 0.19
CA ARG A 3 -9.68 10.41 -0.95
C ARG A 3 -9.80 11.52 -2.01
N ARG A 4 -9.71 12.77 -1.57
CA ARG A 4 -9.81 13.90 -2.48
C ARG A 4 -8.75 13.81 -3.58
N ARG A 5 -7.53 13.48 -3.20
CA ARG A 5 -6.43 13.37 -4.14
C ARG A 5 -6.48 12.03 -4.87
N ARG A 6 -7.13 11.05 -4.27
CA ARG A 6 -7.26 9.72 -4.85
C ARG A 6 -5.88 9.06 -4.99
N PRO A 7 -5.28 8.72 -3.84
CA PRO A 7 -3.96 8.08 -3.81
C PRO A 7 -4.00 6.65 -4.34
N PRO A 8 -2.81 6.06 -4.53
CA PRO A 8 -2.68 4.69 -5.04
C PRO A 8 -3.14 3.64 -4.02
N CYS A 9 -2.65 3.78 -2.79
CA CYS A 9 -3.01 2.85 -1.72
C CYS A 9 -4.52 2.78 -1.56
N GLU A 10 -5.21 3.84 -1.95
CA GLU A 10 -6.67 3.90 -1.84
C GLU A 10 -7.32 3.15 -3.00
N ASP A 11 -7.01 3.58 -4.22
CA ASP A 11 -7.58 2.96 -5.41
C ASP A 11 -7.40 1.45 -5.37
N VAL A 12 -6.14 1.00 -5.36
CA VAL A 12 -5.83 -0.41 -5.32
C VAL A 12 -6.17 -1.02 -3.95
N ASN A 13 -6.45 -0.15 -3.00
CA ASN A 13 -6.79 -0.60 -1.64
C ASN A 13 -5.73 -1.56 -1.10
N GLY A 14 -4.54 -1.02 -0.85
CA GLY A 14 -3.46 -1.84 -0.33
C GLY A 14 -3.28 -1.69 1.17
N GLN A 15 -2.24 -2.34 1.71
CA GLN A 15 -1.97 -2.26 3.14
C GLN A 15 -0.66 -1.52 3.39
N CYS A 16 -0.37 -1.27 4.68
CA CYS A 16 0.84 -0.57 5.06
C CYS A 16 1.79 -1.50 5.82
N GLN A 17 2.73 -2.09 5.10
CA GLN A 17 3.70 -3.00 5.72
C GLN A 17 5.13 -2.51 5.47
N PRO A 18 6.07 -3.03 6.28
CA PRO A 18 7.48 -2.67 6.17
C PRO A 18 8.12 -3.21 4.90
N ARG A 19 9.45 -3.10 4.82
CA ARG A 19 10.18 -3.59 3.65
C ARG A 19 10.57 -5.05 3.82
N GLY A 20 10.74 -5.48 5.07
CA GLY A 20 11.11 -6.85 5.35
C GLY A 20 9.94 -7.80 5.26
N ASN A 21 9.44 -8.01 4.05
CA ASN A 21 8.30 -8.89 3.83
C ASN A 21 8.12 -9.19 2.34
N PRO A 22 7.53 -10.36 2.05
CA PRO A 22 7.28 -10.80 0.67
C PRO A 22 6.22 -9.97 -0.03
N CYS A 23 5.58 -9.08 0.74
CA CYS A 23 4.55 -8.21 0.19
C CYS A 23 4.98 -7.60 -1.14
N LEU A 24 4.01 -7.14 -1.93
CA LEU A 24 4.29 -6.54 -3.22
C LEU A 24 4.28 -5.01 -3.12
N ARG A 25 5.44 -4.43 -2.82
CA ARG A 25 5.56 -2.99 -2.70
C ARG A 25 4.68 -2.28 -3.73
N LEU A 26 4.11 -1.14 -3.34
CA LEU A 26 3.25 -0.39 -4.23
C LEU A 26 3.74 1.06 -4.35
N ARG A 27 3.64 1.81 -3.25
CA ARG A 27 4.07 3.21 -3.24
C ARG A 27 4.33 3.67 -1.82
N GLY A 28 4.68 4.95 -1.68
CA GLY A 28 4.95 5.51 -0.36
C GLY A 28 3.72 6.10 0.28
N ALA A 29 2.54 5.68 -0.19
CA ALA A 29 1.28 6.17 0.35
C ALA A 29 0.95 5.53 1.68
N CYS A 30 1.84 5.71 2.66
CA CYS A 30 1.65 5.14 3.99
C CYS A 30 2.41 5.95 5.03
N PRO A 31 2.03 5.76 6.31
CA PRO A 31 2.65 6.46 7.43
C PRO A 31 4.08 5.99 7.69
N ARG A 32 4.87 6.83 8.36
CA ARG A 32 6.25 6.50 8.67
C ARG A 32 6.35 5.13 9.34
N GLY A 33 7.44 4.43 9.09
CA GLY A 33 7.64 3.12 9.67
C GLY A 33 7.12 2.00 8.79
N SER A 34 6.24 2.35 7.85
CA SER A 34 5.67 1.37 6.94
C SER A 34 5.45 1.98 5.56
N ARG A 35 5.14 1.12 4.58
CA ARG A 35 4.91 1.56 3.22
C ARG A 35 3.74 0.82 2.59
N CYS A 36 3.18 1.39 1.53
CA CYS A 36 2.05 0.79 0.84
C CYS A 36 2.48 -0.49 0.12
N CYS A 37 2.07 -1.63 0.67
CA CYS A 37 2.41 -2.92 0.08
C CYS A 37 1.17 -3.66 -0.38
N MET A 38 1.18 -4.13 -1.63
CA MET A 38 0.05 -4.84 -2.19
C MET A 38 -0.10 -6.21 -1.55
N PRO A 39 -1.35 -6.64 -1.34
CA PRO A 39 -1.66 -7.95 -0.72
C PRO A 39 -1.31 -9.10 -1.64
N THR A 40 -1.57 -10.32 -1.18
CA THR A 40 -1.29 -11.52 -1.96
C THR A 40 -2.57 -12.13 -2.52
N VAL A 41 -3.15 -11.45 -3.50
CA VAL A 41 -4.38 -11.91 -4.13
C VAL A 41 -4.17 -12.21 -5.61
N ALA A 42 -5.22 -12.68 -6.27
CA ALA A 42 -5.14 -12.99 -7.69
C ALA A 42 -5.29 -11.74 -8.55
N ALA A 43 -5.37 -11.93 -9.86
CA ALA A 43 -5.52 -10.81 -10.78
C ALA A 43 -6.49 -11.15 -11.91
N HIS A 44 -6.87 -10.14 -12.69
CA HIS A 44 -7.79 -10.34 -13.80
C HIS A 44 -7.03 -10.48 -15.12
N ARG A 1 -5.11 11.63 6.83
CA ARG A 1 -6.26 12.03 6.03
C ARG A 1 -6.30 11.27 4.71
N ARG A 2 -7.36 10.50 4.50
CA ARG A 2 -7.52 9.72 3.28
C ARG A 2 -8.66 10.26 2.43
N ARG A 3 -8.81 9.72 1.23
CA ARG A 3 -9.86 10.15 0.32
C ARG A 3 -9.79 11.66 0.08
N ARG A 4 -8.57 12.19 0.07
CA ARG A 4 -8.37 13.61 -0.15
C ARG A 4 -8.27 13.93 -1.64
N ARG A 5 -7.58 13.07 -2.38
CA ARG A 5 -7.41 13.26 -3.82
C ARG A 5 -7.29 11.93 -4.53
N ARG A 6 -7.97 10.92 -4.00
CA ARG A 6 -7.94 9.58 -4.58
C ARG A 6 -6.51 9.10 -4.78
N PRO A 7 -5.81 8.85 -3.66
CA PRO A 7 -4.42 8.38 -3.69
C PRO A 7 -4.30 6.96 -4.22
N PRO A 8 -3.04 6.53 -4.46
CA PRO A 8 -2.76 5.18 -4.97
C PRO A 8 -3.03 4.10 -3.94
N CYS A 9 -2.51 4.30 -2.73
CA CYS A 9 -2.70 3.34 -1.64
C CYS A 9 -4.18 3.07 -1.41
N GLU A 10 -5.02 4.03 -1.78
CA GLU A 10 -6.46 3.90 -1.61
C GLU A 10 -7.11 3.30 -2.85
N ASP A 11 -6.77 3.86 -4.01
CA ASP A 11 -7.31 3.38 -5.28
C ASP A 11 -7.17 1.87 -5.40
N VAL A 12 -6.10 1.33 -4.81
CA VAL A 12 -5.84 -0.11 -4.85
C VAL A 12 -6.06 -0.74 -3.48
N ASN A 13 -6.13 0.10 -2.45
CA ASN A 13 -6.33 -0.37 -1.09
C ASN A 13 -5.33 -1.47 -0.74
N GLY A 14 -4.15 -1.07 -0.29
CA GLY A 14 -3.12 -2.04 0.06
C GLY A 14 -2.85 -2.07 1.56
N GLN A 15 -1.88 -2.89 1.96
CA GLN A 15 -1.53 -3.01 3.37
C GLN A 15 -0.22 -2.27 3.67
N CYS A 16 -0.26 -1.40 4.67
CA CYS A 16 0.92 -0.64 5.06
C CYS A 16 1.88 -1.50 5.87
N GLN A 17 2.80 -2.17 5.19
CA GLN A 17 3.78 -3.02 5.86
C GLN A 17 5.19 -2.47 5.69
N PRO A 18 6.11 -2.91 6.57
CA PRO A 18 7.51 -2.47 6.53
C PRO A 18 8.26 -3.02 5.32
N ARG A 19 9.56 -2.76 5.28
CA ARG A 19 10.40 -3.24 4.17
C ARG A 19 11.00 -4.60 4.49
N GLY A 20 10.17 -5.50 5.01
CA GLY A 20 10.64 -6.83 5.36
C GLY A 20 9.58 -7.90 5.16
N ASN A 21 8.79 -7.74 4.10
CA ASN A 21 7.73 -8.69 3.80
C ASN A 21 7.84 -9.20 2.37
N PRO A 22 7.49 -10.47 2.15
CA PRO A 22 7.54 -11.10 0.83
C PRO A 22 6.48 -10.55 -0.11
N CYS A 23 5.50 -9.85 0.45
CA CYS A 23 4.42 -9.27 -0.35
C CYS A 23 4.98 -8.32 -1.40
N LEU A 24 4.08 -7.64 -2.10
CA LEU A 24 4.47 -6.70 -3.14
C LEU A 24 4.48 -5.26 -2.60
N ARG A 25 4.97 -4.34 -3.42
CA ARG A 25 5.03 -2.93 -3.02
C ARG A 25 4.17 -2.07 -3.95
N LEU A 26 3.79 -0.89 -3.47
CA LEU A 26 2.96 0.02 -4.25
C LEU A 26 3.59 1.41 -4.30
N ARG A 27 3.50 2.14 -3.18
CA ARG A 27 4.06 3.48 -3.10
C ARG A 27 4.29 3.88 -1.65
N GLY A 28 4.78 5.10 -1.44
CA GLY A 28 5.04 5.58 -0.10
C GLY A 28 3.87 6.36 0.48
N ALA A 29 2.71 6.22 -0.15
CA ALA A 29 1.51 6.91 0.31
C ALA A 29 1.19 6.55 1.76
N CYS A 30 1.72 5.42 2.22
CA CYS A 30 1.48 4.98 3.58
C CYS A 30 2.19 5.87 4.58
N PRO A 31 1.79 5.78 5.86
CA PRO A 31 2.38 6.57 6.94
C PRO A 31 3.81 6.15 7.26
N ARG A 32 4.58 7.06 7.83
CA ARG A 32 5.97 6.79 8.19
C ARG A 32 6.07 5.48 8.98
N GLY A 33 7.21 4.81 8.85
CA GLY A 33 7.41 3.55 9.55
C GLY A 33 7.02 2.35 8.72
N SER A 34 6.14 2.57 7.74
CA SER A 34 5.67 1.50 6.88
C SER A 34 5.44 2.00 5.46
N ARG A 35 5.17 1.07 4.55
CA ARG A 35 4.94 1.42 3.15
C ARG A 35 3.78 0.62 2.58
N CYS A 36 3.16 1.15 1.54
CA CYS A 36 2.02 0.48 0.89
C CYS A 36 2.48 -0.77 0.17
N CYS A 37 1.98 -1.93 0.60
CA CYS A 37 2.33 -3.20 -0.01
C CYS A 37 1.10 -3.91 -0.56
N MET A 38 1.22 -4.44 -1.77
CA MET A 38 0.10 -5.15 -2.40
C MET A 38 -0.03 -6.56 -1.86
N PRO A 39 -1.27 -6.97 -1.56
CA PRO A 39 -1.56 -8.30 -1.03
C PRO A 39 -1.34 -9.40 -2.07
N THR A 40 -1.56 -10.64 -1.66
CA THR A 40 -1.40 -11.78 -2.55
C THR A 40 -2.73 -12.20 -3.18
N VAL A 41 -3.24 -11.34 -4.06
CA VAL A 41 -4.50 -11.61 -4.74
C VAL A 41 -4.35 -11.48 -6.25
N ALA A 42 -5.45 -11.72 -6.96
CA ALA A 42 -5.45 -11.63 -8.42
C ALA A 42 -6.83 -11.28 -8.95
N ALA A 43 -7.17 -9.99 -8.91
CA ALA A 43 -8.46 -9.53 -9.39
C ALA A 43 -8.30 -8.54 -10.54
N HIS A 44 -8.86 -8.90 -11.69
CA HIS A 44 -8.77 -8.04 -12.89
C HIS A 44 -7.32 -7.66 -13.16
N ARG A 1 -4.25 6.64 1.80
CA ARG A 1 -4.36 6.50 3.25
C ARG A 1 -5.81 6.64 3.70
N ARG A 2 -6.37 7.82 3.50
CA ARG A 2 -7.75 8.09 3.89
C ARG A 2 -8.54 8.69 2.72
N ARG A 3 -8.08 9.83 2.22
CA ARG A 3 -8.74 10.50 1.11
C ARG A 3 -7.90 11.67 0.61
N ARG A 4 -6.62 11.41 0.35
CA ARG A 4 -5.71 12.45 -0.13
C ARG A 4 -5.70 12.48 -1.66
N ARG A 5 -6.63 13.22 -2.24
CA ARG A 5 -6.72 13.34 -3.69
C ARG A 5 -6.85 11.96 -4.34
N ARG A 6 -7.47 11.04 -3.63
CA ARG A 6 -7.65 9.67 -4.14
C ARG A 6 -6.30 9.02 -4.43
N PRO A 7 -5.57 8.67 -3.35
CA PRO A 7 -4.26 8.03 -3.46
C PRO A 7 -4.35 6.61 -3.99
N PRO A 8 -3.19 6.02 -4.31
CA PRO A 8 -3.10 4.65 -4.83
C PRO A 8 -3.45 3.60 -3.78
N CYS A 9 -2.84 3.73 -2.60
CA CYS A 9 -3.08 2.79 -1.51
C CYS A 9 -4.57 2.72 -1.18
N GLU A 10 -5.30 3.78 -1.51
CA GLU A 10 -6.73 3.83 -1.24
C GLU A 10 -7.51 3.09 -2.32
N ASP A 11 -7.35 3.53 -3.57
CA ASP A 11 -8.02 2.91 -4.70
C ASP A 11 -7.82 1.40 -4.69
N VAL A 12 -6.56 0.97 -4.83
CA VAL A 12 -6.22 -0.44 -4.84
C VAL A 12 -6.37 -1.05 -3.45
N ASN A 13 -6.57 -0.20 -2.45
CA ASN A 13 -6.72 -0.65 -1.07
C ASN A 13 -5.53 -1.49 -0.65
N GLY A 14 -4.33 -0.93 -0.82
CA GLY A 14 -3.12 -1.64 -0.44
C GLY A 14 -2.88 -1.62 1.05
N GLN A 15 -1.98 -2.48 1.52
CA GLN A 15 -1.66 -2.56 2.94
C GLN A 15 -0.45 -1.69 3.28
N CYS A 16 -0.25 -1.44 4.57
CA CYS A 16 0.87 -0.62 5.02
C CYS A 16 1.81 -1.43 5.92
N GLN A 17 3.02 -1.66 5.42
CA GLN A 17 4.01 -2.42 6.17
C GLN A 17 5.43 -2.10 5.69
N PRO A 18 6.43 -2.46 6.50
CA PRO A 18 7.83 -2.23 6.19
C PRO A 18 8.32 -3.10 5.03
N ARG A 19 9.62 -3.01 4.75
CA ARG A 19 10.21 -3.80 3.67
C ARG A 19 10.58 -5.19 4.16
N GLY A 20 10.25 -5.49 5.42
CA GLY A 20 10.56 -6.79 5.98
C GLY A 20 9.40 -7.77 5.85
N ASN A 21 8.90 -7.91 4.63
CA ASN A 21 7.79 -8.82 4.37
C ASN A 21 7.76 -9.23 2.90
N PRO A 22 7.14 -10.39 2.63
CA PRO A 22 7.02 -10.93 1.27
C PRO A 22 6.06 -10.10 0.40
N CYS A 23 5.27 -9.26 1.06
CA CYS A 23 4.31 -8.43 0.35
C CYS A 23 4.98 -7.66 -0.79
N LEU A 24 4.21 -7.37 -1.83
CA LEU A 24 4.73 -6.65 -2.98
C LEU A 24 4.92 -5.17 -2.66
N ARG A 25 5.43 -4.41 -3.64
CA ARG A 25 5.65 -2.99 -3.46
C ARG A 25 4.76 -2.17 -4.39
N LEU A 26 4.18 -1.10 -3.86
CA LEU A 26 3.30 -0.24 -4.63
C LEU A 26 3.83 1.19 -4.68
N ARG A 27 3.72 1.90 -3.55
CA ARG A 27 4.18 3.27 -3.46
C ARG A 27 4.41 3.67 -2.01
N GLY A 28 4.76 4.93 -1.79
CA GLY A 28 5.00 5.42 -0.45
C GLY A 28 3.76 6.01 0.19
N ALA A 29 2.60 5.58 -0.29
CA ALA A 29 1.33 6.08 0.23
C ALA A 29 1.00 5.42 1.57
N CYS A 30 1.87 5.61 2.55
CA CYS A 30 1.67 5.03 3.88
C CYS A 30 2.38 5.87 4.93
N PRO A 31 1.98 5.67 6.20
CA PRO A 31 2.56 6.40 7.34
C PRO A 31 3.99 5.97 7.63
N ARG A 32 4.74 6.84 8.30
CA ARG A 32 6.12 6.54 8.65
C ARG A 32 6.24 5.16 9.30
N GLY A 33 7.34 4.47 9.02
CA GLY A 33 7.55 3.15 9.58
C GLY A 33 6.90 2.05 8.77
N SER A 34 6.17 2.44 7.73
CA SER A 34 5.48 1.49 6.87
C SER A 34 5.41 2.00 5.43
N ARG A 35 5.05 1.12 4.51
CA ARG A 35 4.95 1.48 3.10
C ARG A 35 3.77 0.76 2.45
N CYS A 36 3.28 1.33 1.35
CA CYS A 36 2.16 0.75 0.63
C CYS A 36 2.58 -0.54 -0.08
N CYS A 37 2.18 -1.67 0.47
CA CYS A 37 2.52 -2.97 -0.11
C CYS A 37 1.31 -3.59 -0.81
N MET A 38 1.57 -4.31 -1.89
CA MET A 38 0.50 -4.96 -2.65
C MET A 38 0.30 -6.40 -2.19
N PRO A 39 -0.94 -6.73 -1.79
CA PRO A 39 -1.28 -8.07 -1.32
C PRO A 39 -1.27 -9.11 -2.45
N THR A 40 -1.62 -10.34 -2.12
CA THR A 40 -1.66 -11.41 -3.11
C THR A 40 -3.05 -11.58 -3.70
N VAL A 41 -3.42 -10.69 -4.61
CA VAL A 41 -4.73 -10.74 -5.25
C VAL A 41 -4.59 -10.70 -6.77
N ALA A 42 -5.73 -10.77 -7.46
CA ALA A 42 -5.74 -10.75 -8.91
C ALA A 42 -6.79 -9.78 -9.43
N ALA A 43 -6.35 -8.76 -10.17
CA ALA A 43 -7.25 -7.77 -10.72
C ALA A 43 -6.64 -7.08 -11.94
N HIS A 44 -6.15 -7.89 -12.87
CA HIS A 44 -5.54 -7.36 -14.09
C HIS A 44 -6.58 -6.76 -15.01
N ARG A 1 -4.40 8.94 2.07
CA ARG A 1 -4.41 7.56 2.53
C ARG A 1 -5.80 6.95 2.38
N ARG A 2 -6.83 7.77 2.53
CA ARG A 2 -8.21 7.32 2.40
C ARG A 2 -8.94 8.10 1.33
N ARG A 3 -9.09 9.40 1.55
CA ARG A 3 -9.78 10.27 0.58
C ARG A 3 -8.91 11.46 0.20
N ARG A 4 -7.60 11.28 0.28
CA ARG A 4 -6.66 12.34 -0.06
C ARG A 4 -6.55 12.51 -1.57
N ARG A 5 -7.63 12.96 -2.20
CA ARG A 5 -7.66 13.18 -3.63
C ARG A 5 -7.43 11.86 -4.37
N ARG A 6 -8.08 10.81 -3.91
CA ARG A 6 -7.94 9.48 -4.52
C ARG A 6 -6.49 9.06 -4.59
N PRO A 7 -5.91 8.71 -3.42
CA PRO A 7 -4.52 8.28 -3.32
C PRO A 7 -4.29 6.92 -3.95
N PRO A 8 -3.01 6.53 -4.08
CA PRO A 8 -2.62 5.25 -4.67
C PRO A 8 -2.98 4.07 -3.78
N CYS A 9 -2.74 4.21 -2.48
CA CYS A 9 -3.04 3.16 -1.52
C CYS A 9 -4.54 2.90 -1.46
N GLU A 10 -5.33 3.83 -2.00
CA GLU A 10 -6.78 3.69 -2.01
C GLU A 10 -7.25 2.95 -3.25
N ASP A 11 -6.92 3.48 -4.42
CA ASP A 11 -7.30 2.87 -5.69
C ASP A 11 -6.93 1.39 -5.71
N VAL A 12 -5.65 1.11 -5.45
CA VAL A 12 -5.16 -0.26 -5.44
C VAL A 12 -5.51 -0.97 -4.13
N ASN A 13 -5.91 -0.19 -3.14
CA ASN A 13 -6.27 -0.73 -1.84
C ASN A 13 -5.17 -1.64 -1.30
N GLY A 14 -4.07 -1.05 -0.87
CA GLY A 14 -2.95 -1.82 -0.35
C GLY A 14 -2.88 -1.78 1.16
N GLN A 15 -1.89 -2.45 1.73
CA GLN A 15 -1.71 -2.49 3.17
C GLN A 15 -0.36 -1.93 3.58
N CYS A 16 -0.35 -1.02 4.53
CA CYS A 16 0.88 -0.40 5.01
C CYS A 16 1.77 -1.44 5.69
N GLN A 17 2.78 -1.90 4.95
CA GLN A 17 3.71 -2.90 5.48
C GLN A 17 5.15 -2.39 5.40
N PRO A 18 6.02 -2.94 6.26
CA PRO A 18 7.43 -2.56 6.30
C PRO A 18 8.20 -3.05 5.08
N ARG A 19 9.51 -2.85 5.09
CA ARG A 19 10.36 -3.28 3.99
C ARG A 19 10.96 -4.65 4.26
N GLY A 20 10.20 -5.51 4.92
CA GLY A 20 10.66 -6.85 5.23
C GLY A 20 9.56 -7.88 5.18
N ASN A 21 8.84 -7.92 4.06
CA ASN A 21 7.74 -8.86 3.88
C ASN A 21 7.77 -9.48 2.49
N PRO A 22 7.24 -10.70 2.37
CA PRO A 22 7.19 -11.42 1.09
C PRO A 22 6.21 -10.79 0.11
N CYS A 23 5.28 -9.99 0.63
CA CYS A 23 4.29 -9.32 -0.20
C CYS A 23 4.96 -8.42 -1.24
N LEU A 24 4.16 -7.62 -1.92
CA LEU A 24 4.67 -6.71 -2.94
C LEU A 24 4.60 -5.25 -2.45
N ARG A 25 5.15 -4.34 -3.25
CA ARG A 25 5.15 -2.93 -2.90
C ARG A 25 4.32 -2.13 -3.89
N LEU A 26 3.88 -0.95 -3.46
CA LEU A 26 3.08 -0.08 -4.31
C LEU A 26 3.62 1.34 -4.31
N ARG A 27 3.29 2.10 -3.27
CA ARG A 27 3.75 3.48 -3.14
C ARG A 27 3.66 3.95 -1.70
N GLY A 28 3.93 5.23 -1.48
CA GLY A 28 3.88 5.79 -0.14
C GLY A 28 2.48 5.75 0.45
N ALA A 29 1.87 6.92 0.57
CA ALA A 29 0.52 7.03 1.13
C ALA A 29 0.40 6.22 2.42
N CYS A 30 1.50 6.14 3.16
CA CYS A 30 1.53 5.41 4.42
C CYS A 30 2.38 6.14 5.46
N PRO A 31 2.18 5.79 6.74
CA PRO A 31 2.93 6.39 7.84
C PRO A 31 4.39 5.98 7.86
N ARG A 32 5.24 6.84 8.42
CA ARG A 32 6.67 6.56 8.50
C ARG A 32 6.93 5.16 9.05
N GLY A 33 7.99 4.52 8.56
CA GLY A 33 8.31 3.18 9.02
C GLY A 33 7.51 2.11 8.30
N SER A 34 6.59 2.53 7.44
CA SER A 34 5.76 1.61 6.70
C SER A 34 5.53 2.10 5.27
N ARG A 35 5.16 1.18 4.39
CA ARG A 35 4.92 1.52 2.98
C ARG A 35 3.77 0.68 2.42
N CYS A 36 2.99 1.28 1.53
CA CYS A 36 1.86 0.59 0.92
C CYS A 36 2.34 -0.64 0.16
N CYS A 37 2.07 -1.82 0.72
CA CYS A 37 2.47 -3.08 0.10
C CYS A 37 1.26 -3.79 -0.49
N MET A 38 1.42 -4.34 -1.70
CA MET A 38 0.35 -5.05 -2.37
C MET A 38 0.09 -6.40 -1.70
N PRO A 39 -1.19 -6.69 -1.41
CA PRO A 39 -1.59 -7.94 -0.77
C PRO A 39 -1.44 -9.14 -1.70
N THR A 40 -1.63 -10.34 -1.15
CA THR A 40 -1.51 -11.57 -1.93
C THR A 40 -2.81 -11.90 -2.64
N VAL A 41 -3.16 -11.09 -3.63
CA VAL A 41 -4.38 -11.31 -4.40
C VAL A 41 -4.09 -11.41 -5.89
N ALA A 42 -5.13 -11.64 -6.68
CA ALA A 42 -4.99 -11.77 -8.13
C ALA A 42 -6.07 -10.98 -8.85
N ALA A 43 -6.20 -9.70 -8.52
CA ALA A 43 -7.19 -8.84 -9.15
C ALA A 43 -8.60 -9.36 -8.89
N HIS A 44 -9.10 -9.11 -7.69
CA HIS A 44 -10.44 -9.56 -7.31
C HIS A 44 -10.62 -11.05 -7.58
N ARG A 1 -4.87 11.08 4.68
CA ARG A 1 -3.99 9.93 4.51
C ARG A 1 -4.56 8.94 3.50
N ARG A 2 -5.89 8.82 3.49
CA ARG A 2 -6.57 7.92 2.58
C ARG A 2 -7.67 8.64 1.80
N ARG A 3 -7.43 9.91 1.51
CA ARG A 3 -8.40 10.71 0.77
C ARG A 3 -7.76 11.99 0.23
N ARG A 4 -6.48 11.89 -0.12
CA ARG A 4 -5.75 13.04 -0.65
C ARG A 4 -5.76 13.04 -2.16
N ARG A 5 -6.75 13.70 -2.75
CA ARG A 5 -6.88 13.78 -4.20
C ARG A 5 -6.84 12.39 -4.82
N ARG A 6 -7.46 11.43 -4.15
CA ARG A 6 -7.49 10.05 -4.63
C ARG A 6 -6.09 9.51 -4.82
N PRO A 7 -5.40 9.23 -3.70
CA PRO A 7 -4.04 8.69 -3.72
C PRO A 7 -3.98 7.26 -4.22
N PRO A 8 -2.75 6.76 -4.46
CA PRO A 8 -2.53 5.40 -4.95
C PRO A 8 -2.87 4.34 -3.90
N CYS A 9 -2.35 4.54 -2.69
CA CYS A 9 -2.58 3.61 -1.60
C CYS A 9 -4.07 3.41 -1.36
N GLU A 10 -4.86 4.41 -1.74
CA GLU A 10 -6.31 4.36 -1.57
C GLU A 10 -6.96 3.53 -2.67
N ASP A 11 -6.72 3.93 -3.92
CA ASP A 11 -7.28 3.22 -5.07
C ASP A 11 -7.00 1.73 -4.97
N VAL A 12 -5.73 1.38 -4.80
CA VAL A 12 -5.33 -0.03 -4.69
C VAL A 12 -5.66 -0.58 -3.31
N ASN A 13 -5.90 0.30 -2.36
CA ASN A 13 -6.22 -0.10 -0.99
C ASN A 13 -5.37 -1.28 -0.56
N GLY A 14 -4.06 -1.05 -0.45
CA GLY A 14 -3.15 -2.11 -0.04
C GLY A 14 -2.90 -2.12 1.46
N GLN A 15 -1.93 -2.92 1.89
CA GLN A 15 -1.60 -3.02 3.30
C GLN A 15 -0.28 -2.33 3.61
N CYS A 16 -0.31 -1.40 4.55
CA CYS A 16 0.89 -0.65 4.93
C CYS A 16 1.84 -1.54 5.73
N GLN A 17 2.78 -2.18 5.02
CA GLN A 17 3.75 -3.05 5.66
C GLN A 17 5.15 -2.48 5.55
N PRO A 18 6.04 -2.89 6.46
CA PRO A 18 7.43 -2.44 6.49
C PRO A 18 8.24 -2.98 5.33
N ARG A 19 9.54 -2.72 5.34
CA ARG A 19 10.43 -3.18 4.28
C ARG A 19 11.08 -4.51 4.67
N GLY A 20 10.26 -5.53 4.88
CA GLY A 20 10.78 -6.84 5.25
C GLY A 20 9.77 -7.94 5.04
N ASN A 21 8.86 -7.74 4.09
CA ASN A 21 7.83 -8.73 3.80
C ASN A 21 7.92 -9.21 2.36
N PRO A 22 7.62 -10.51 2.14
CA PRO A 22 7.67 -11.11 0.81
C PRO A 22 6.57 -10.60 -0.10
N CYS A 23 5.61 -9.87 0.48
CA CYS A 23 4.50 -9.33 -0.28
C CYS A 23 5.00 -8.39 -1.37
N LEU A 24 4.07 -7.68 -2.01
CA LEU A 24 4.41 -6.74 -3.07
C LEU A 24 4.41 -5.30 -2.56
N ARG A 25 4.91 -4.38 -3.38
CA ARG A 25 4.96 -2.97 -3.01
C ARG A 25 4.11 -2.13 -3.95
N LEU A 26 3.68 -0.97 -3.47
CA LEU A 26 2.87 -0.06 -4.28
C LEU A 26 3.47 1.34 -4.32
N ARG A 27 3.33 2.07 -3.22
CA ARG A 27 3.87 3.42 -3.12
C ARG A 27 4.18 3.79 -1.67
N GLY A 28 4.67 5.00 -1.46
CA GLY A 28 5.01 5.44 -0.12
C GLY A 28 3.90 6.27 0.50
N ALA A 29 2.74 6.31 -0.16
CA ALA A 29 1.60 7.06 0.34
C ALA A 29 1.30 6.70 1.79
N CYS A 30 1.63 5.47 2.17
CA CYS A 30 1.39 5.00 3.53
C CYS A 30 2.10 5.89 4.54
N PRO A 31 1.69 5.78 5.83
CA PRO A 31 2.28 6.56 6.91
C PRO A 31 3.71 6.12 7.23
N ARG A 32 4.49 7.04 7.80
CA ARG A 32 5.88 6.76 8.15
C ARG A 32 5.98 5.46 8.94
N GLY A 33 7.11 4.77 8.79
CA GLY A 33 7.31 3.52 9.49
C GLY A 33 6.88 2.32 8.68
N SER A 34 6.02 2.56 7.70
CA SER A 34 5.51 1.49 6.84
C SER A 34 5.27 1.99 5.42
N ARG A 35 5.14 1.05 4.49
CA ARG A 35 4.90 1.40 3.09
C ARG A 35 3.74 0.59 2.52
N CYS A 36 3.06 1.15 1.54
CA CYS A 36 1.94 0.49 0.90
C CYS A 36 2.39 -0.78 0.17
N CYS A 37 1.94 -1.93 0.64
CA CYS A 37 2.30 -3.20 0.05
C CYS A 37 1.06 -3.92 -0.49
N MET A 38 1.17 -4.45 -1.70
CA MET A 38 0.06 -5.17 -2.33
C MET A 38 -0.05 -6.59 -1.78
N PRO A 39 -1.28 -7.03 -1.53
CA PRO A 39 -1.55 -8.38 -1.00
C PRO A 39 -1.25 -9.47 -2.03
N THR A 40 -1.60 -10.71 -1.69
CA THR A 40 -1.37 -11.84 -2.58
C THR A 40 -2.69 -12.34 -3.17
N VAL A 41 -3.57 -11.42 -3.51
CA VAL A 41 -4.86 -11.77 -4.10
C VAL A 41 -4.71 -12.22 -5.54
N ALA A 42 -5.83 -12.58 -6.16
CA ALA A 42 -5.82 -13.03 -7.55
C ALA A 42 -6.63 -12.10 -8.44
N ALA A 43 -7.83 -11.76 -7.98
CA ALA A 43 -8.71 -10.86 -8.73
C ALA A 43 -9.01 -11.43 -10.12
N HIS A 44 -9.67 -10.63 -10.95
CA HIS A 44 -10.02 -11.06 -12.30
C HIS A 44 -9.89 -9.90 -13.28
N ARG A 1 -7.42 12.47 7.61
CA ARG A 1 -6.09 12.69 7.09
C ARG A 1 -5.98 12.21 5.64
N ARG A 2 -6.57 11.04 5.37
CA ARG A 2 -6.55 10.47 4.03
C ARG A 2 -7.56 11.17 3.12
N ARG A 3 -7.70 10.66 1.90
CA ARG A 3 -8.63 11.23 0.93
C ARG A 3 -8.24 12.66 0.59
N ARG A 4 -6.94 12.96 0.67
CA ARG A 4 -6.44 14.29 0.37
C ARG A 4 -6.54 14.59 -1.12
N ARG A 5 -6.35 13.57 -1.95
CA ARG A 5 -6.42 13.72 -3.39
C ARG A 5 -6.52 12.37 -4.07
N ARG A 6 -7.26 11.44 -3.46
CA ARG A 6 -7.43 10.11 -4.01
C ARG A 6 -6.07 9.46 -4.30
N PRO A 7 -5.35 9.10 -3.23
CA PRO A 7 -4.04 8.46 -3.34
C PRO A 7 -4.11 7.04 -3.88
N PRO A 8 -2.95 6.47 -4.21
CA PRO A 8 -2.86 5.10 -4.75
C PRO A 8 -3.21 4.04 -3.70
N CYS A 9 -2.60 4.17 -2.53
CA CYS A 9 -2.84 3.22 -1.44
C CYS A 9 -4.33 3.14 -1.12
N GLU A 10 -5.05 4.21 -1.42
CA GLU A 10 -6.49 4.25 -1.17
C GLU A 10 -7.26 3.52 -2.25
N ASP A 11 -7.06 3.92 -3.50
CA ASP A 11 -7.73 3.30 -4.63
C ASP A 11 -7.60 1.78 -4.58
N VAL A 12 -6.36 1.31 -4.56
CA VAL A 12 -6.09 -0.12 -4.50
C VAL A 12 -6.32 -0.68 -3.10
N ASN A 13 -6.42 0.21 -2.13
CA ASN A 13 -6.65 -0.18 -0.75
C ASN A 13 -5.62 -1.23 -0.31
N GLY A 14 -4.35 -0.97 -0.63
CA GLY A 14 -3.30 -1.90 -0.26
C GLY A 14 -3.01 -1.88 1.22
N GLN A 15 -2.07 -2.73 1.65
CA GLN A 15 -1.70 -2.81 3.05
C GLN A 15 -0.47 -1.95 3.35
N CYS A 16 -0.22 -1.71 4.63
CA CYS A 16 0.93 -0.90 5.05
C CYS A 16 1.86 -1.71 5.94
N GLN A 17 3.03 -2.04 5.40
CA GLN A 17 4.02 -2.81 6.16
C GLN A 17 5.43 -2.34 5.83
N PRO A 18 6.40 -2.70 6.69
CA PRO A 18 7.80 -2.33 6.52
C PRO A 18 8.45 -3.05 5.34
N ARG A 19 9.76 -2.88 5.19
CA ARG A 19 10.50 -3.50 4.11
C ARG A 19 11.07 -4.85 4.55
N GLY A 20 10.30 -5.60 5.31
CA GLY A 20 10.75 -6.90 5.80
C GLY A 20 9.70 -7.98 5.63
N ASN A 21 8.94 -7.90 4.53
CA ASN A 21 7.90 -8.87 4.25
C ASN A 21 7.87 -9.21 2.76
N PRO A 22 7.34 -10.41 2.44
CA PRO A 22 7.23 -10.87 1.05
C PRO A 22 6.19 -10.09 0.26
N CYS A 23 5.34 -9.36 0.97
CA CYS A 23 4.29 -8.56 0.33
C CYS A 23 4.87 -7.69 -0.77
N LEU A 24 4.12 -7.53 -1.86
CA LEU A 24 4.56 -6.72 -2.98
C LEU A 24 4.76 -5.27 -2.57
N ARG A 25 5.11 -4.42 -3.53
CA ARG A 25 5.32 -3.00 -3.25
C ARG A 25 4.41 -2.15 -4.13
N LEU A 26 4.12 -0.93 -3.67
CA LEU A 26 3.27 -0.01 -4.41
C LEU A 26 3.88 1.39 -4.43
N ARG A 27 3.76 2.09 -3.32
CA ARG A 27 4.30 3.44 -3.20
C ARG A 27 4.51 3.83 -1.74
N GLY A 28 4.94 5.07 -1.52
CA GLY A 28 5.17 5.54 -0.17
C GLY A 28 3.96 6.25 0.41
N ALA A 29 2.82 6.11 -0.26
CA ALA A 29 1.58 6.73 0.20
C ALA A 29 1.31 6.41 1.66
N CYS A 30 1.60 5.17 2.06
CA CYS A 30 1.39 4.72 3.43
C CYS A 30 2.06 5.67 4.41
N PRO A 31 1.66 5.58 5.69
CA PRO A 31 2.21 6.42 6.76
C PRO A 31 3.65 6.06 7.09
N ARG A 32 4.37 7.01 7.69
CA ARG A 32 5.77 6.79 8.06
C ARG A 32 5.92 5.50 8.85
N GLY A 33 7.07 4.85 8.69
CA GLY A 33 7.32 3.60 9.40
C GLY A 33 6.86 2.39 8.63
N SER A 34 6.03 2.62 7.61
CA SER A 34 5.50 1.53 6.79
C SER A 34 5.39 1.96 5.33
N ARG A 35 5.13 0.99 4.45
CA ARG A 35 5.00 1.26 3.03
C ARG A 35 3.82 0.50 2.44
N CYS A 36 3.27 1.02 1.35
CA CYS A 36 2.14 0.39 0.68
C CYS A 36 2.56 -0.89 -0.03
N CYS A 37 2.08 -2.03 0.49
CA CYS A 37 2.41 -3.32 -0.10
C CYS A 37 1.20 -3.92 -0.81
N MET A 38 1.46 -4.64 -1.90
CA MET A 38 0.40 -5.27 -2.68
C MET A 38 0.18 -6.72 -2.22
N PRO A 39 -1.09 -7.06 -1.97
CA PRO A 39 -1.46 -8.41 -1.53
C PRO A 39 -1.29 -9.45 -2.63
N THR A 40 -1.64 -10.70 -2.32
CA THR A 40 -1.52 -11.78 -3.28
C THR A 40 -2.86 -12.09 -3.93
N VAL A 41 -3.67 -11.05 -4.14
CA VAL A 41 -4.98 -11.22 -4.75
C VAL A 41 -4.86 -11.66 -6.21
N ALA A 42 -6.00 -11.88 -6.85
CA ALA A 42 -6.03 -12.31 -8.24
C ALA A 42 -7.18 -11.66 -9.00
N ALA A 43 -7.30 -10.35 -8.88
CA ALA A 43 -8.35 -9.60 -9.55
C ALA A 43 -8.22 -9.71 -11.06
N HIS A 44 -9.05 -8.95 -11.78
CA HIS A 44 -9.03 -8.97 -13.24
C HIS A 44 -8.08 -7.89 -13.78
N ARG A 1 -2.46 12.72 0.54
CA ARG A 1 -1.81 11.74 1.39
C ARG A 1 -2.74 11.30 2.53
N ARG A 2 -2.84 9.99 2.73
CA ARG A 2 -3.70 9.45 3.77
C ARG A 2 -5.16 9.84 3.54
N ARG A 3 -5.72 9.39 2.42
CA ARG A 3 -7.10 9.70 2.08
C ARG A 3 -7.31 11.21 1.96
N ARG A 4 -7.19 11.72 0.74
CA ARG A 4 -7.37 13.15 0.48
C ARG A 4 -7.55 13.41 -1.01
N ARG A 5 -6.47 13.28 -1.76
CA ARG A 5 -6.51 13.51 -3.20
C ARG A 5 -6.61 12.20 -3.96
N ARG A 6 -7.25 11.21 -3.35
CA ARG A 6 -7.42 9.90 -3.97
C ARG A 6 -6.07 9.28 -4.28
N PRO A 7 -5.34 8.87 -3.24
CA PRO A 7 -4.02 8.25 -3.38
C PRO A 7 -4.09 6.86 -3.99
N PRO A 8 -2.92 6.30 -4.34
CA PRO A 8 -2.83 4.97 -4.96
C PRO A 8 -3.17 3.86 -3.97
N CYS A 9 -2.56 3.91 -2.79
CA CYS A 9 -2.80 2.91 -1.76
C CYS A 9 -4.29 2.79 -1.45
N GLU A 10 -5.02 3.88 -1.69
CA GLU A 10 -6.47 3.89 -1.43
C GLU A 10 -7.22 3.22 -2.58
N ASP A 11 -7.01 3.70 -3.79
CA ASP A 11 -7.67 3.16 -4.96
C ASP A 11 -7.51 1.64 -5.01
N VAL A 12 -6.28 1.17 -4.85
CA VAL A 12 -5.98 -0.25 -4.89
C VAL A 12 -6.21 -0.89 -3.51
N ASN A 13 -6.33 -0.06 -2.49
CA ASN A 13 -6.57 -0.53 -1.13
C ASN A 13 -5.55 -1.60 -0.76
N GLY A 14 -4.31 -1.17 -0.49
CA GLY A 14 -3.26 -2.10 -0.12
C GLY A 14 -3.00 -2.12 1.38
N GLN A 15 -1.94 -2.80 1.79
CA GLN A 15 -1.59 -2.89 3.20
C GLN A 15 -0.30 -2.14 3.49
N CYS A 16 -0.32 -1.33 4.55
CA CYS A 16 0.84 -0.55 4.94
C CYS A 16 1.83 -1.40 5.74
N GLN A 17 2.75 -2.05 5.04
CA GLN A 17 3.74 -2.90 5.68
C GLN A 17 5.15 -2.36 5.46
N PRO A 18 6.10 -2.78 6.31
CA PRO A 18 7.49 -2.35 6.23
C PRO A 18 8.20 -2.92 5.00
N ARG A 19 9.52 -2.75 4.96
CA ARG A 19 10.32 -3.25 3.84
C ARG A 19 10.97 -4.58 4.19
N GLY A 20 10.19 -5.47 4.80
CA GLY A 20 10.72 -6.78 5.18
C GLY A 20 9.67 -7.88 5.07
N ASN A 21 8.84 -7.79 4.04
CA ASN A 21 7.79 -8.79 3.83
C ASN A 21 7.81 -9.30 2.38
N PRO A 22 7.41 -10.56 2.21
CA PRO A 22 7.37 -11.20 0.89
C PRO A 22 6.27 -10.63 0.00
N CYS A 23 5.43 -9.79 0.58
CA CYS A 23 4.34 -9.17 -0.16
C CYS A 23 4.87 -8.32 -1.31
N LEU A 24 3.98 -7.55 -1.94
CA LEU A 24 4.36 -6.70 -3.06
C LEU A 24 4.47 -5.24 -2.62
N ARG A 25 5.25 -4.46 -3.36
CA ARG A 25 5.43 -3.05 -3.06
C ARG A 25 4.67 -2.17 -4.05
N LEU A 26 4.23 -1.00 -3.60
CA LEU A 26 3.49 -0.07 -4.44
C LEU A 26 4.18 1.29 -4.48
N ARG A 27 3.99 2.07 -3.42
CA ARG A 27 4.59 3.39 -3.34
C ARG A 27 4.66 3.87 -1.90
N GLY A 28 5.10 5.11 -1.70
CA GLY A 28 5.21 5.66 -0.36
C GLY A 28 3.96 6.39 0.07
N ALA A 29 2.80 5.80 -0.21
CA ALA A 29 1.52 6.40 0.15
C ALA A 29 1.04 5.89 1.50
N CYS A 30 1.98 5.60 2.39
CA CYS A 30 1.65 5.09 3.72
C CYS A 30 2.33 5.94 4.80
N PRO A 31 1.84 5.81 6.04
CA PRO A 31 2.38 6.56 7.19
C PRO A 31 3.78 6.08 7.57
N ARG A 32 4.54 6.95 8.23
CA ARG A 32 5.89 6.62 8.66
C ARG A 32 5.92 5.28 9.38
N GLY A 33 6.99 4.53 9.17
CA GLY A 33 7.12 3.23 9.81
C GLY A 33 6.64 2.09 8.93
N SER A 34 5.92 2.44 7.87
CA SER A 34 5.40 1.44 6.94
C SER A 34 5.28 2.01 5.53
N ARG A 35 5.08 1.13 4.56
CA ARG A 35 4.93 1.55 3.17
C ARG A 35 3.77 0.84 2.49
N CYS A 36 3.27 1.42 1.41
CA CYS A 36 2.16 0.84 0.68
C CYS A 36 2.57 -0.47 -0.01
N CYS A 37 2.07 -1.58 0.50
CA CYS A 37 2.39 -2.89 -0.06
C CYS A 37 1.12 -3.60 -0.55
N MET A 38 1.21 -4.21 -1.72
CA MET A 38 0.08 -4.92 -2.29
C MET A 38 -0.08 -6.30 -1.66
N PRO A 39 -1.34 -6.73 -1.47
CA PRO A 39 -1.65 -8.02 -0.87
C PRO A 39 -1.29 -9.18 -1.77
N THR A 40 -1.57 -10.40 -1.31
CA THR A 40 -1.27 -11.60 -2.08
C THR A 40 -2.48 -12.05 -2.89
N VAL A 41 -2.76 -11.32 -3.96
CA VAL A 41 -3.89 -11.65 -4.82
C VAL A 41 -3.52 -11.52 -6.30
N ALA A 42 -4.51 -11.67 -7.17
CA ALA A 42 -4.27 -11.57 -8.60
C ALA A 42 -4.75 -10.23 -9.15
N ALA A 43 -5.78 -9.67 -8.51
CA ALA A 43 -6.32 -8.39 -8.94
C ALA A 43 -7.08 -8.51 -10.25
N HIS A 44 -6.35 -8.74 -11.34
CA HIS A 44 -6.95 -8.88 -12.65
C HIS A 44 -6.09 -9.74 -13.56
N ARG A 1 0.51 15.67 0.33
CA ARG A 1 -0.95 15.65 0.31
C ARG A 1 -1.48 14.23 0.40
N ARG A 2 -0.85 13.42 1.24
CA ARG A 2 -1.26 12.03 1.41
C ARG A 2 -2.66 11.95 1.99
N ARG A 3 -3.54 11.23 1.29
CA ARG A 3 -4.93 11.08 1.73
C ARG A 3 -5.64 12.43 1.75
N ARG A 4 -6.35 12.72 0.67
CA ARG A 4 -7.09 13.98 0.56
C ARG A 4 -7.91 14.03 -0.71
N ARG A 5 -7.30 13.60 -1.81
CA ARG A 5 -7.97 13.59 -3.11
C ARG A 5 -8.28 12.16 -3.56
N ARG A 6 -7.24 11.43 -3.95
CA ARG A 6 -7.40 10.06 -4.41
C ARG A 6 -6.05 9.39 -4.63
N PRO A 7 -5.34 9.09 -3.53
CA PRO A 7 -4.03 8.45 -3.58
C PRO A 7 -4.11 7.00 -4.06
N PRO A 8 -2.94 6.40 -4.33
CA PRO A 8 -2.84 5.01 -4.79
C PRO A 8 -3.22 4.02 -3.70
N CYS A 9 -2.64 4.20 -2.52
CA CYS A 9 -2.91 3.31 -1.39
C CYS A 9 -4.39 3.25 -1.08
N GLU A 10 -5.12 4.31 -1.48
CA GLU A 10 -6.55 4.37 -1.26
C GLU A 10 -7.31 3.57 -2.31
N ASP A 11 -7.11 3.92 -3.58
CA ASP A 11 -7.77 3.24 -4.69
C ASP A 11 -7.56 1.74 -4.59
N VAL A 12 -6.30 1.32 -4.65
CA VAL A 12 -5.96 -0.09 -4.58
C VAL A 12 -6.20 -0.65 -3.18
N ASN A 13 -6.45 0.25 -2.23
CA ASN A 13 -6.70 -0.16 -0.86
C ASN A 13 -5.75 -1.28 -0.44
N GLY A 14 -4.46 -1.02 -0.54
CA GLY A 14 -3.47 -2.02 -0.17
C GLY A 14 -3.15 -2.00 1.31
N GLN A 15 -2.11 -2.73 1.70
CA GLN A 15 -1.71 -2.79 3.11
C GLN A 15 -0.49 -1.90 3.35
N CYS A 16 -0.17 -1.70 4.62
CA CYS A 16 0.98 -0.87 5.00
C CYS A 16 1.97 -1.67 5.85
N GLN A 17 3.21 -1.74 5.37
CA GLN A 17 4.25 -2.47 6.09
C GLN A 17 5.62 -2.18 5.50
N PRO A 18 6.68 -2.46 6.28
CA PRO A 18 8.07 -2.24 5.85
C PRO A 18 8.49 -3.20 4.76
N ARG A 19 9.77 -3.16 4.40
CA ARG A 19 10.31 -4.02 3.36
C ARG A 19 10.65 -5.40 3.92
N GLY A 20 10.49 -5.55 5.23
CA GLY A 20 10.79 -6.82 5.88
C GLY A 20 9.62 -7.78 5.81
N ASN A 21 9.09 -8.00 4.61
CA ASN A 21 7.97 -8.90 4.42
C ASN A 21 7.81 -9.28 2.95
N PRO A 22 7.15 -10.41 2.69
CA PRO A 22 6.92 -10.91 1.34
C PRO A 22 5.94 -10.05 0.55
N CYS A 23 5.16 -9.24 1.28
CA CYS A 23 4.17 -8.37 0.66
C CYS A 23 4.81 -7.54 -0.45
N LEU A 24 4.14 -7.47 -1.59
CA LEU A 24 4.63 -6.71 -2.74
C LEU A 24 4.82 -5.24 -2.37
N ARG A 25 5.18 -4.44 -3.36
CA ARG A 25 5.39 -3.01 -3.15
C ARG A 25 4.46 -2.18 -4.03
N LEU A 26 4.17 -0.97 -3.59
CA LEU A 26 3.29 -0.07 -4.34
C LEU A 26 3.85 1.34 -4.39
N ARG A 27 3.73 2.05 -3.27
CA ARG A 27 4.24 3.42 -3.18
C ARG A 27 4.45 3.83 -1.73
N GLY A 28 4.85 5.08 -1.52
CA GLY A 28 5.09 5.57 -0.17
C GLY A 28 3.90 6.33 0.38
N ALA A 29 2.73 6.11 -0.21
CA ALA A 29 1.52 6.76 0.23
C ALA A 29 1.19 6.41 1.68
N CYS A 30 1.66 5.24 2.11
CA CYS A 30 1.42 4.78 3.48
C CYS A 30 2.09 5.71 4.49
N PRO A 31 1.66 5.60 5.75
CA PRO A 31 2.21 6.41 6.85
C PRO A 31 3.64 6.02 7.19
N ARG A 32 4.36 6.95 7.82
CA ARG A 32 5.74 6.70 8.22
C ARG A 32 5.88 5.39 8.98
N GLY A 33 7.02 4.73 8.83
CA GLY A 33 7.24 3.47 9.51
C GLY A 33 6.82 2.27 8.68
N SER A 34 5.98 2.52 7.69
CA SER A 34 5.49 1.45 6.82
C SER A 34 5.30 1.96 5.39
N ARG A 35 5.14 1.02 4.46
CA ARG A 35 4.94 1.36 3.05
C ARG A 35 3.80 0.58 2.44
N CYS A 36 3.22 1.11 1.38
CA CYS A 36 2.10 0.45 0.70
C CYS A 36 2.56 -0.83 0.03
N CYS A 37 2.03 -1.96 0.50
CA CYS A 37 2.38 -3.26 -0.05
C CYS A 37 1.20 -3.89 -0.77
N MET A 38 1.49 -4.63 -1.83
CA MET A 38 0.44 -5.28 -2.62
C MET A 38 0.30 -6.75 -2.22
N PRO A 39 -0.94 -7.16 -1.91
CA PRO A 39 -1.24 -8.53 -1.51
C PRO A 39 -1.09 -9.53 -2.66
N THR A 40 -1.43 -10.79 -2.41
CA THR A 40 -1.32 -11.83 -3.42
C THR A 40 -2.57 -11.87 -4.30
N VAL A 41 -2.72 -10.86 -5.15
CA VAL A 41 -3.86 -10.79 -6.05
C VAL A 41 -3.43 -10.65 -7.50
N ALA A 42 -4.34 -10.93 -8.42
CA ALA A 42 -4.04 -10.85 -9.85
C ALA A 42 -5.24 -10.30 -10.63
N ALA A 43 -5.92 -9.33 -10.04
CA ALA A 43 -7.07 -8.71 -10.67
C ALA A 43 -6.79 -7.28 -11.08
N HIS A 44 -7.08 -6.95 -12.33
CA HIS A 44 -6.85 -5.61 -12.85
C HIS A 44 -5.40 -5.18 -12.61
N ARG A 1 -0.58 13.73 3.37
CA ARG A 1 -0.73 12.76 2.30
C ARG A 1 -1.41 11.49 2.81
N ARG A 2 -2.73 11.49 2.80
CA ARG A 2 -3.51 10.35 3.27
C ARG A 2 -4.99 10.54 2.99
N ARG A 3 -5.48 9.94 1.91
CA ARG A 3 -6.89 10.05 1.54
C ARG A 3 -7.26 11.51 1.27
N ARG A 4 -7.06 11.94 0.03
CA ARG A 4 -7.39 13.31 -0.36
C ARG A 4 -8.48 13.33 -1.43
N ARG A 5 -8.29 12.52 -2.47
CA ARG A 5 -9.25 12.45 -3.56
C ARG A 5 -9.28 11.06 -4.17
N ARG A 6 -8.11 10.54 -4.51
CA ARG A 6 -8.00 9.21 -5.11
C ARG A 6 -6.54 8.78 -5.22
N PRO A 7 -5.93 8.48 -4.07
CA PRO A 7 -4.52 8.05 -4.02
C PRO A 7 -4.31 6.66 -4.61
N PRO A 8 -3.04 6.28 -4.79
CA PRO A 8 -2.68 4.98 -5.35
C PRO A 8 -2.99 3.82 -4.41
N CYS A 9 -2.57 3.96 -3.15
CA CYS A 9 -2.80 2.94 -2.14
C CYS A 9 -4.29 2.62 -2.04
N GLU A 10 -5.09 3.60 -1.67
CA GLU A 10 -6.53 3.43 -1.54
C GLU A 10 -7.13 2.91 -2.83
N ASP A 11 -6.62 3.40 -3.96
CA ASP A 11 -7.11 2.98 -5.27
C ASP A 11 -7.07 1.47 -5.41
N VAL A 12 -5.90 0.89 -5.21
CA VAL A 12 -5.72 -0.56 -5.31
C VAL A 12 -5.93 -1.24 -3.96
N ASN A 13 -6.47 -0.49 -3.01
CA ASN A 13 -6.72 -1.01 -1.66
C ASN A 13 -5.56 -1.90 -1.21
N GLY A 14 -4.49 -1.27 -0.74
CA GLY A 14 -3.34 -2.01 -0.28
C GLY A 14 -3.15 -1.93 1.22
N GLN A 15 -2.00 -2.39 1.71
CA GLN A 15 -1.70 -2.36 3.14
C GLN A 15 -0.46 -1.52 3.41
N CYS A 16 -0.18 -1.30 4.68
CA CYS A 16 0.98 -0.51 5.09
C CYS A 16 1.99 -1.37 5.85
N GLN A 17 2.88 -2.03 5.12
CA GLN A 17 3.89 -2.87 5.72
C GLN A 17 5.29 -2.31 5.49
N PRO A 18 6.24 -2.75 6.32
CA PRO A 18 7.64 -2.30 6.22
C PRO A 18 8.34 -2.83 4.99
N ARG A 19 9.64 -2.58 4.88
CA ARG A 19 10.42 -3.03 3.74
C ARG A 19 11.09 -4.38 4.04
N GLY A 20 10.30 -5.33 4.51
CA GLY A 20 10.84 -6.64 4.82
C GLY A 20 9.78 -7.73 4.77
N ASN A 21 8.87 -7.61 3.81
CA ASN A 21 7.80 -8.59 3.65
C ASN A 21 7.79 -9.16 2.25
N PRO A 22 7.36 -10.42 2.12
CA PRO A 22 7.29 -11.11 0.83
C PRO A 22 6.19 -10.55 -0.07
N CYS A 23 5.35 -9.70 0.50
CA CYS A 23 4.25 -9.10 -0.24
C CYS A 23 4.77 -8.28 -1.41
N LEU A 24 3.88 -7.49 -2.02
CA LEU A 24 4.26 -6.66 -3.15
C LEU A 24 4.48 -5.21 -2.71
N ARG A 25 5.10 -4.42 -3.59
CA ARG A 25 5.36 -3.02 -3.29
C ARG A 25 4.60 -2.10 -4.25
N LEU A 26 4.16 -0.96 -3.74
CA LEU A 26 3.42 0.00 -4.55
C LEU A 26 4.09 1.37 -4.51
N ARG A 27 3.92 2.07 -3.39
CA ARG A 27 4.51 3.40 -3.23
C ARG A 27 4.63 3.76 -1.75
N GLY A 28 5.04 5.00 -1.48
CA GLY A 28 5.19 5.45 -0.11
C GLY A 28 3.91 6.06 0.44
N ALA A 29 2.77 5.64 -0.10
CA ALA A 29 1.49 6.14 0.34
C ALA A 29 1.07 5.53 1.68
N CYS A 30 1.91 5.72 2.70
CA CYS A 30 1.63 5.17 4.02
C CYS A 30 2.35 5.97 5.10
N PRO A 31 1.91 5.80 6.36
CA PRO A 31 2.50 6.49 7.51
C PRO A 31 3.90 6.00 7.82
N ARG A 32 4.67 6.83 8.53
CA ARG A 32 6.04 6.48 8.89
C ARG A 32 6.09 5.10 9.55
N GLY A 33 7.15 4.36 9.26
CA GLY A 33 7.30 3.03 9.82
C GLY A 33 6.64 1.96 8.97
N SER A 34 5.95 2.39 7.93
CA SER A 34 5.25 1.46 7.04
C SER A 34 5.11 2.06 5.64
N ARG A 35 5.04 1.19 4.64
CA ARG A 35 4.90 1.63 3.26
C ARG A 35 3.76 0.89 2.56
N CYS A 36 3.24 1.48 1.50
CA CYS A 36 2.14 0.88 0.74
C CYS A 36 2.61 -0.40 0.06
N CYS A 37 1.99 -1.52 0.43
CA CYS A 37 2.33 -2.81 -0.15
C CYS A 37 1.09 -3.54 -0.65
N MET A 38 1.21 -4.23 -1.77
CA MET A 38 0.10 -4.97 -2.35
C MET A 38 -0.14 -6.27 -1.59
N PRO A 39 -1.41 -6.54 -1.26
CA PRO A 39 -1.80 -7.76 -0.53
C PRO A 39 -1.65 -9.02 -1.38
N THR A 40 -1.92 -10.17 -0.77
CA THR A 40 -1.81 -11.44 -1.47
C THR A 40 -3.17 -11.94 -1.91
N VAL A 41 -3.98 -11.04 -2.48
CA VAL A 41 -5.31 -11.39 -2.94
C VAL A 41 -5.36 -11.52 -4.47
N ALA A 42 -6.20 -12.41 -4.96
CA ALA A 42 -6.34 -12.62 -6.40
C ALA A 42 -7.70 -12.15 -6.89
N ALA A 43 -7.75 -10.90 -7.34
CA ALA A 43 -8.99 -10.33 -7.86
C ALA A 43 -8.85 -9.91 -9.32
N HIS A 44 -9.95 -9.46 -9.91
CA HIS A 44 -9.95 -9.02 -11.30
C HIS A 44 -10.60 -7.66 -11.45
#